data_6Z0I
#
_entry.id   6Z0I
#
_entity_poly.entity_id   1
_entity_poly.type   'polypeptide(L)'
_entity_poly.pdbx_seq_one_letter_code
;GSGRSLLEGEIPFPPTSILLLLACIFLIKILAASALWAAAWHGQKPGTH
;
_entity_poly.pdbx_strand_id   A
#
# COMPACT_ATOMS: atom_id res chain seq x y z
N ARG A 4 -33.96 13.31 13.51
CA ARG A 4 -34.11 11.83 13.51
C ARG A 4 -33.08 11.22 12.56
N SER A 5 -31.86 11.05 13.05
CA SER A 5 -30.78 10.45 12.25
C SER A 5 -30.11 9.34 13.04
N LEU A 6 -30.88 8.30 13.34
CA LEU A 6 -30.38 7.17 14.13
C LEU A 6 -29.14 6.52 13.52
N LEU A 7 -28.96 6.66 12.20
CA LEU A 7 -27.83 6.02 11.53
C LEU A 7 -26.48 6.45 12.12
N GLU A 8 -26.43 7.65 12.72
CA GLU A 8 -25.18 8.15 13.28
C GLU A 8 -24.94 7.69 14.72
N GLY A 9 -25.97 7.20 15.41
CA GLY A 9 -25.84 6.78 16.79
C GLY A 9 -25.55 5.29 16.97
N GLU A 10 -25.38 4.54 15.87
CA GLU A 10 -25.19 3.09 15.97
C GLU A 10 -23.71 2.76 16.17
N ILE A 11 -23.44 1.71 16.95
CA ILE A 11 -22.06 1.29 17.20
C ILE A 11 -21.52 0.47 16.02
N PRO A 12 -20.26 0.60 15.65
CA PRO A 12 -19.64 -0.34 14.66
C PRO A 12 -19.53 -1.76 15.23
N PHE A 13 -19.66 -2.77 14.37
CA PHE A 13 -19.47 -4.15 14.80
C PHE A 13 -18.08 -4.32 15.42
N PRO A 14 -17.93 -5.17 16.42
CA PRO A 14 -16.61 -5.26 17.15
C PRO A 14 -15.41 -5.57 16.25
N PRO A 15 -15.55 -6.36 15.21
CA PRO A 15 -14.49 -6.45 14.15
C PRO A 15 -14.26 -5.09 13.50
N THR A 16 -13.00 -4.75 13.20
CA THR A 16 -12.71 -3.50 12.51
C THR A 16 -11.19 -3.31 12.36
N SER A 17 -10.47 -3.53 13.45
CA SER A 17 -9.08 -3.11 13.50
C SER A 17 -8.26 -3.76 12.38
N ILE A 18 -8.54 -5.02 12.09
CA ILE A 18 -7.81 -5.70 11.01
C ILE A 18 -8.02 -5.00 9.68
N LEU A 19 -9.23 -4.47 9.46
CA LEU A 19 -9.51 -3.73 8.23
C LEU A 19 -8.61 -2.50 8.11
N LEU A 20 -8.36 -1.85 9.24
CA LEU A 20 -7.48 -0.68 9.22
C LEU A 20 -6.08 -1.05 8.74
N LEU A 21 -5.60 -2.21 9.18
CA LEU A 21 -4.27 -2.64 8.79
C LEU A 21 -4.17 -2.84 7.28
N LEU A 22 -5.23 -3.38 6.68
CA LEU A 22 -5.25 -3.55 5.23
C LEU A 22 -5.14 -2.20 4.51
N ALA A 23 -5.76 -1.18 5.10
CA ALA A 23 -5.70 0.16 4.53
C ALA A 23 -4.27 0.68 4.52
N CYS A 24 -3.55 0.42 5.61
CA CYS A 24 -2.20 0.93 5.74
C CYS A 24 -1.30 0.37 4.66
N ILE A 25 -1.41 -0.94 4.41
CA ILE A 25 -0.55 -1.55 3.41
C ILE A 25 -0.79 -0.92 2.04
N PHE A 26 -2.06 -0.69 1.72
CA PHE A 26 -2.39 0.00 0.47
C PHE A 26 -1.80 1.41 0.41
N LEU A 27 -1.70 2.06 1.56
CA LEU A 27 -1.36 3.47 1.57
C LEU A 27 0.13 3.66 1.31
N ILE A 28 0.96 3.13 2.21
CA ILE A 28 2.40 3.32 2.06
C ILE A 28 2.87 2.74 0.72
N LYS A 29 2.26 1.64 0.25
CA LYS A 29 2.70 1.04 -0.99
C LYS A 29 2.59 2.02 -2.16
N ILE A 30 1.54 2.84 -2.15
CA ILE A 30 1.38 3.85 -3.19
C ILE A 30 2.38 4.98 -3.04
N LEU A 31 2.40 5.58 -1.85
CA LEU A 31 3.22 6.76 -1.62
C LEU A 31 4.70 6.51 -1.87
N ALA A 32 5.14 5.26 -1.66
CA ALA A 32 6.54 4.92 -1.82
C ALA A 32 6.91 4.66 -3.28
N ALA A 33 6.16 3.77 -3.94
CA ALA A 33 6.51 3.37 -5.29
C ALA A 33 6.50 4.56 -6.25
N SER A 34 5.50 5.42 -6.11
CA SER A 34 5.40 6.57 -7.00
C SER A 34 6.60 7.50 -6.86
N ALA A 35 7.09 7.64 -5.63
CA ALA A 35 8.17 8.59 -5.37
C ALA A 35 9.46 8.13 -6.05
N LEU A 36 9.85 6.89 -5.77
CA LEU A 36 11.08 6.37 -6.36
C LEU A 36 10.99 6.37 -7.89
N TRP A 37 9.81 6.05 -8.42
CA TRP A 37 9.64 6.04 -9.87
C TRP A 37 9.90 7.41 -10.50
N ALA A 38 9.64 8.47 -9.74
CA ALA A 38 9.79 9.82 -10.27
C ALA A 38 11.26 10.20 -10.36
N ALA A 39 11.93 10.22 -9.22
CA ALA A 39 13.31 10.72 -9.19
C ALA A 39 14.20 9.93 -10.14
N ALA A 40 13.96 8.62 -10.25
CA ALA A 40 14.73 7.80 -11.17
C ALA A 40 14.42 8.15 -12.63
N TRP A 41 13.13 8.29 -12.94
CA TRP A 41 12.69 8.57 -14.30
C TRP A 41 13.30 9.85 -14.87
N HIS A 42 13.63 10.81 -14.01
CA HIS A 42 14.34 11.99 -14.46
C HIS A 42 15.83 11.67 -14.55
N GLY A 43 16.43 11.40 -13.39
CA GLY A 43 17.72 10.75 -13.35
C GLY A 43 17.80 9.80 -12.17
N GLN A 44 18.09 8.52 -12.43
CA GLN A 44 18.56 7.63 -11.38
C GLN A 44 19.84 8.18 -10.74
N LYS A 45 19.97 8.01 -9.42
CA LYS A 45 21.17 8.41 -8.66
C LYS A 45 21.81 9.72 -9.19
N PRO A 46 21.09 10.82 -9.18
CA PRO A 46 21.62 12.11 -9.75
C PRO A 46 22.95 12.50 -9.09
N GLY A 47 23.84 13.08 -9.87
CA GLY A 47 25.17 13.46 -9.37
C GLY A 47 25.15 14.85 -8.75
N THR A 48 25.70 15.81 -9.47
CA THR A 48 25.81 17.20 -9.00
C THR A 48 26.26 17.28 -7.54
N HIS A 49 27.37 16.61 -7.24
CA HIS A 49 27.90 16.61 -5.88
C HIS A 49 28.76 17.85 -5.64
N ARG A 4 -25.46 -3.53 30.66
CA ARG A 4 -24.52 -2.49 31.14
C ARG A 4 -24.89 -1.13 30.55
N SER A 5 -24.47 -0.06 31.21
CA SER A 5 -24.79 1.29 30.76
C SER A 5 -24.30 1.51 29.33
N LEU A 6 -25.05 2.30 28.57
CA LEU A 6 -24.72 2.62 27.18
C LEU A 6 -24.18 1.42 26.40
N LEU A 7 -24.93 0.32 26.44
CA LEU A 7 -24.55 -0.89 25.71
C LEU A 7 -24.40 -0.61 24.20
N GLU A 8 -25.12 0.40 23.69
CA GLU A 8 -25.07 0.73 22.27
C GLU A 8 -23.92 1.70 21.93
N GLY A 9 -23.35 2.36 22.94
CA GLY A 9 -22.29 3.33 22.70
C GLY A 9 -20.88 2.74 22.83
N GLU A 10 -20.76 1.42 22.89
CA GLU A 10 -19.45 0.79 23.09
C GLU A 10 -18.75 0.56 21.76
N ILE A 11 -17.42 0.59 21.80
CA ILE A 11 -16.60 0.45 20.60
C ILE A 11 -16.49 -1.03 20.20
N PRO A 12 -16.49 -1.36 18.92
CA PRO A 12 -16.27 -2.78 18.49
C PRO A 12 -14.86 -3.24 18.84
N PHE A 13 -14.70 -4.53 19.13
CA PHE A 13 -13.45 -5.03 19.70
C PHE A 13 -12.25 -4.64 18.82
N PRO A 14 -11.11 -4.34 19.40
CA PRO A 14 -9.93 -3.88 18.59
C PRO A 14 -9.43 -4.80 17.46
N PRO A 15 -9.56 -6.12 17.51
CA PRO A 15 -8.96 -6.98 16.43
C PRO A 15 -9.46 -6.66 15.02
N THR A 16 -10.72 -6.23 14.88
CA THR A 16 -11.22 -5.81 13.57
C THR A 16 -10.46 -4.59 13.04
N SER A 17 -10.09 -3.69 13.95
CA SER A 17 -9.48 -2.44 13.55
C SER A 17 -8.19 -2.65 12.79
N ILE A 18 -7.37 -3.59 13.25
CA ILE A 18 -6.07 -3.81 12.61
C ILE A 18 -6.23 -4.20 11.14
N LEU A 19 -7.30 -4.91 10.81
CA LEU A 19 -7.55 -5.24 9.41
C LEU A 19 -7.75 -3.95 8.59
N LEU A 20 -8.43 -2.97 9.20
CA LEU A 20 -8.56 -1.67 8.54
C LEU A 20 -7.20 -1.03 8.30
N LEU A 21 -6.28 -1.23 9.25
CA LEU A 21 -4.92 -0.71 9.07
C LEU A 21 -4.25 -1.31 7.84
N LEU A 22 -4.54 -2.59 7.57
CA LEU A 22 -3.97 -3.24 6.40
C LEU A 22 -4.38 -2.54 5.11
N ALA A 23 -5.61 -2.03 5.08
CA ALA A 23 -6.06 -1.25 3.95
C ALA A 23 -5.22 0.02 3.79
N CYS A 24 -4.89 0.64 4.93
CA CYS A 24 -4.06 1.83 4.90
C CYS A 24 -2.69 1.52 4.30
N ILE A 25 -2.14 0.35 4.62
CA ILE A 25 -0.85 -0.03 4.07
C ILE A 25 -0.92 -0.10 2.54
N PHE A 26 -2.07 -0.51 2.00
CA PHE A 26 -2.23 -0.51 0.54
C PHE A 26 -2.05 0.90 -0.01
N LEU A 27 -2.56 1.89 0.72
CA LEU A 27 -2.36 3.28 0.31
C LEU A 27 -0.87 3.62 0.30
N ILE A 28 -0.12 3.07 1.27
CA ILE A 28 1.31 3.30 1.31
C ILE A 28 1.99 2.77 0.06
N LYS A 29 1.49 1.66 -0.48
CA LYS A 29 2.04 1.13 -1.73
C LYS A 29 1.91 2.16 -2.85
N ILE A 30 0.81 2.92 -2.85
CA ILE A 30 0.65 3.98 -3.84
C ILE A 30 1.76 5.02 -3.71
N LEU A 31 2.12 5.33 -2.47
CA LEU A 31 3.26 6.23 -2.23
C LEU A 31 4.56 5.65 -2.80
N ALA A 32 4.68 4.32 -2.77
CA ALA A 32 5.85 3.66 -3.30
C ALA A 32 5.98 3.91 -4.81
N ALA A 33 4.84 3.90 -5.51
CA ALA A 33 4.86 4.16 -6.94
C ALA A 33 5.42 5.56 -7.23
N SER A 34 5.02 6.52 -6.41
CA SER A 34 5.57 7.86 -6.53
C SER A 34 7.09 7.84 -6.30
N ALA A 35 7.55 6.99 -5.38
CA ALA A 35 8.98 6.92 -5.09
C ALA A 35 9.75 6.47 -6.33
N LEU A 36 9.19 5.50 -7.05
CA LEU A 36 9.85 5.02 -8.27
C LEU A 36 10.02 6.16 -9.27
N TRP A 37 9.03 7.06 -9.34
CA TRP A 37 9.16 8.24 -10.18
C TRP A 37 10.38 9.08 -9.78
N ALA A 38 10.69 9.10 -8.48
CA ALA A 38 11.89 9.76 -8.01
C ALA A 38 13.14 9.09 -8.55
N ALA A 39 13.11 7.77 -8.60
CA ALA A 39 14.27 7.02 -9.10
C ALA A 39 14.59 7.41 -10.54
N ALA A 40 13.55 7.62 -11.35
CA ALA A 40 13.74 8.07 -12.72
C ALA A 40 14.39 9.46 -12.76
N TRP A 41 13.98 10.33 -11.84
CA TRP A 41 14.54 11.67 -11.75
C TRP A 41 16.06 11.65 -11.52
N HIS A 42 16.56 10.59 -10.89
CA HIS A 42 18.00 10.41 -10.79
C HIS A 42 18.50 9.81 -12.11
N GLY A 43 18.03 8.61 -12.41
CA GLY A 43 18.19 8.05 -13.74
C GLY A 43 16.94 7.26 -14.12
N GLN A 44 16.33 7.64 -15.24
CA GLN A 44 15.30 6.80 -15.87
C GLN A 44 15.85 5.40 -16.15
N LYS A 45 14.99 4.40 -16.00
CA LYS A 45 15.40 3.01 -16.16
C LYS A 45 16.04 2.79 -17.53
N PRO A 46 17.02 1.92 -17.66
CA PRO A 46 17.67 1.67 -18.99
C PRO A 46 16.65 1.25 -20.04
N GLY A 47 16.89 1.65 -21.28
CA GLY A 47 15.97 1.31 -22.37
C GLY A 47 15.77 -0.21 -22.49
N THR A 48 16.75 -0.99 -22.07
CA THR A 48 16.64 -2.44 -22.11
C THR A 48 15.41 -2.91 -21.32
N HIS A 49 14.75 -3.96 -21.80
CA HIS A 49 13.58 -4.49 -21.12
C HIS A 49 13.78 -5.97 -20.80
N ARG A 4 10.39 -9.35 5.38
CA ARG A 4 10.06 -10.80 5.42
C ARG A 4 8.67 -11.04 4.86
N SER A 5 8.59 -11.93 3.87
CA SER A 5 7.30 -12.24 3.24
C SER A 5 6.27 -12.74 4.26
N LEU A 6 6.72 -13.33 5.36
CA LEU A 6 5.81 -13.86 6.37
C LEU A 6 4.86 -12.79 6.92
N LEU A 7 5.28 -11.52 6.89
CA LEU A 7 4.44 -10.44 7.40
C LEU A 7 3.08 -10.39 6.69
N GLU A 8 3.03 -10.85 5.43
CA GLU A 8 1.78 -10.86 4.67
C GLU A 8 0.96 -12.14 4.90
N GLY A 9 1.59 -13.18 5.44
CA GLY A 9 0.89 -14.45 5.69
C GLY A 9 0.34 -14.58 7.11
N GLU A 10 0.46 -13.53 7.94
CA GLU A 10 -0.03 -13.60 9.30
C GLU A 10 -1.50 -13.21 9.35
N ILE A 11 -2.25 -13.80 10.29
CA ILE A 11 -3.69 -13.54 10.36
C ILE A 11 -3.97 -12.20 11.05
N PRO A 12 -4.96 -11.44 10.62
CA PRO A 12 -5.31 -10.15 11.29
C PRO A 12 -5.84 -10.37 12.71
N PHE A 13 -5.61 -9.42 13.60
CA PHE A 13 -6.12 -9.50 14.97
C PHE A 13 -7.64 -9.69 14.95
N PRO A 14 -8.20 -10.41 15.89
CA PRO A 14 -9.61 -10.88 15.75
C PRO A 14 -10.64 -9.77 15.47
N PRO A 15 -10.50 -8.57 16.01
CA PRO A 15 -11.35 -7.43 15.55
C PRO A 15 -11.13 -7.13 14.06
N THR A 16 -12.22 -6.87 13.34
CA THR A 16 -12.12 -6.49 11.94
C THR A 16 -11.30 -5.21 11.73
N SER A 17 -11.29 -4.33 12.73
CA SER A 17 -10.73 -3.00 12.54
C SER A 17 -9.26 -3.06 12.13
N ILE A 18 -8.52 -4.04 12.68
CA ILE A 18 -7.11 -4.16 12.30
C ILE A 18 -6.97 -4.40 10.80
N LEU A 19 -7.91 -5.14 10.21
CA LEU A 19 -7.88 -5.34 8.76
C LEU A 19 -7.99 -4.01 8.02
N LEU A 20 -8.80 -3.10 8.56
CA LEU A 20 -8.92 -1.78 7.96
C LEU A 20 -7.59 -1.06 7.95
N LEU A 21 -6.82 -1.22 9.03
CA LEU A 21 -5.49 -0.64 9.09
C LEU A 21 -4.59 -1.19 7.99
N LEU A 22 -4.75 -2.46 7.64
CA LEU A 22 -3.99 -3.04 6.55
C LEU A 22 -4.26 -2.32 5.23
N ALA A 23 -5.49 -1.86 5.06
CA ALA A 23 -5.83 -1.09 3.86
C ALA A 23 -5.03 0.20 3.82
N CYS A 24 -4.92 0.85 4.97
CA CYS A 24 -4.16 2.10 5.04
C CYS A 24 -2.70 1.85 4.67
N ILE A 25 -2.14 0.74 5.15
CA ILE A 25 -0.76 0.42 4.81
C ILE A 25 -0.59 0.26 3.30
N PHE A 26 -1.61 -0.25 2.61
CA PHE A 26 -1.54 -0.36 1.17
C PHE A 26 -1.35 1.02 0.53
N LEU A 27 -2.01 2.03 1.11
CA LEU A 27 -1.81 3.40 0.64
C LEU A 27 -0.35 3.82 0.81
N ILE A 28 0.27 3.37 1.90
CA ILE A 28 1.69 3.66 2.12
C ILE A 28 2.53 3.06 1.00
N LYS A 29 2.12 1.89 0.50
CA LYS A 29 2.85 1.28 -0.62
C LYS A 29 2.83 2.20 -1.84
N ILE A 30 1.72 2.91 -2.03
CA ILE A 30 1.67 3.90 -3.11
C ILE A 30 2.72 4.99 -2.90
N LEU A 31 2.96 5.36 -1.64
CA LEU A 31 4.02 6.33 -1.34
C LEU A 31 5.38 5.81 -1.79
N ALA A 32 5.58 4.50 -1.70
CA ALA A 32 6.79 3.88 -2.23
C ALA A 32 6.89 4.04 -3.74
N ALA A 33 5.74 3.94 -4.41
CA ALA A 33 5.71 4.12 -5.86
C ALA A 33 6.21 5.50 -6.25
N SER A 34 5.90 6.50 -5.43
CA SER A 34 6.40 7.85 -5.69
C SER A 34 7.92 7.89 -5.71
N ALA A 35 8.55 7.08 -4.84
CA ALA A 35 10.01 7.02 -4.83
C ALA A 35 10.52 6.51 -6.17
N LEU A 36 9.87 5.47 -6.70
CA LEU A 36 10.23 4.96 -8.01
C LEU A 36 10.07 6.04 -9.08
N TRP A 37 9.07 6.90 -8.93
CA TRP A 37 8.89 8.00 -9.87
C TRP A 37 10.11 8.91 -9.92
N ALA A 38 10.80 9.04 -8.78
CA ALA A 38 12.04 9.82 -8.77
C ALA A 38 13.09 9.17 -9.67
N ALA A 39 13.16 7.84 -9.60
CA ALA A 39 14.07 7.11 -10.48
C ALA A 39 13.73 7.36 -11.95
N ALA A 40 12.43 7.46 -12.24
CA ALA A 40 11.99 7.80 -13.59
C ALA A 40 12.43 9.19 -14.02
N TRP A 41 12.49 10.12 -13.06
CA TRP A 41 12.95 11.47 -13.33
C TRP A 41 14.38 11.48 -13.90
N HIS A 42 15.17 10.47 -13.55
CA HIS A 42 16.45 10.27 -14.23
C HIS A 42 16.19 9.58 -15.57
N GLY A 43 15.69 8.35 -15.51
CA GLY A 43 15.12 7.72 -16.69
C GLY A 43 13.90 6.88 -16.31
N GLN A 44 12.76 7.17 -16.93
CA GLN A 44 11.60 6.28 -16.83
C GLN A 44 11.96 4.87 -17.30
N LYS A 45 11.44 3.87 -16.61
CA LYS A 45 11.62 2.48 -17.02
C LYS A 45 11.08 2.26 -18.43
N PRO A 46 11.68 1.42 -19.25
CA PRO A 46 11.06 1.05 -20.56
C PRO A 46 9.66 0.44 -20.39
N GLY A 47 9.41 -0.15 -19.23
CA GLY A 47 8.12 -0.79 -18.94
C GLY A 47 6.94 0.18 -19.09
N THR A 48 7.18 1.48 -18.93
CA THR A 48 6.11 2.46 -18.99
C THR A 48 5.32 2.38 -20.30
N HIS A 49 5.95 1.88 -21.37
CA HIS A 49 5.27 1.74 -22.66
C HIS A 49 5.39 0.32 -23.17
N ARG A 4 6.94 4.92 24.39
CA ARG A 4 6.50 6.14 25.09
C ARG A 4 4.97 6.16 25.17
N SER A 5 4.32 5.96 24.03
CA SER A 5 2.87 5.91 23.98
C SER A 5 2.33 4.85 24.91
N LEU A 6 1.14 5.09 25.47
CA LEU A 6 0.52 4.16 26.40
C LEU A 6 -0.87 3.75 25.89
N LEU A 7 -1.93 4.44 26.31
CA LEU A 7 -3.28 4.13 25.82
C LEU A 7 -3.38 4.22 24.29
N GLU A 8 -2.49 4.99 23.67
CA GLU A 8 -2.53 5.20 22.22
C GLU A 8 -1.79 4.10 21.45
N GLY A 9 -0.93 3.34 22.13
CA GLY A 9 -0.12 2.32 21.47
C GLY A 9 -0.76 0.92 21.49
N GLU A 10 -2.03 0.82 21.87
CA GLU A 10 -2.69 -0.48 21.96
C GLU A 10 -3.27 -0.87 20.60
N ILE A 11 -3.30 -2.17 20.34
CA ILE A 11 -3.76 -2.68 19.04
C ILE A 11 -5.30 -2.70 18.97
N PRO A 12 -5.91 -2.40 17.85
CA PRO A 12 -7.39 -2.48 17.71
C PRO A 12 -7.86 -3.93 17.84
N PHE A 13 -9.09 -4.13 18.32
CA PHE A 13 -9.58 -5.48 18.59
C PHE A 13 -9.48 -6.36 17.33
N PRO A 14 -9.20 -7.65 17.46
CA PRO A 14 -9.06 -8.55 16.27
C PRO A 14 -10.25 -8.66 15.29
N PRO A 15 -11.51 -8.47 15.66
CA PRO A 15 -12.64 -8.89 14.76
C PRO A 15 -12.57 -8.33 13.34
N THR A 16 -11.94 -7.16 13.16
CA THR A 16 -11.85 -6.58 11.82
C THR A 16 -11.03 -5.29 11.78
N SER A 17 -11.08 -4.50 12.85
CA SER A 17 -10.50 -3.16 12.80
C SER A 17 -9.02 -3.22 12.43
N ILE A 18 -8.31 -4.25 12.92
CA ILE A 18 -6.90 -4.38 12.58
C ILE A 18 -6.72 -4.52 11.07
N LEU A 19 -7.64 -5.22 10.42
CA LEU A 19 -7.59 -5.34 8.96
C LEU A 19 -7.69 -3.97 8.29
N LEU A 20 -8.50 -3.08 8.89
CA LEU A 20 -8.62 -1.74 8.33
C LEU A 20 -7.28 -1.02 8.32
N LEU A 21 -6.48 -1.25 9.36
CA LEU A 21 -5.14 -0.66 9.40
C LEU A 21 -4.29 -1.15 8.24
N LEU A 22 -4.45 -2.43 7.89
CA LEU A 22 -3.71 -2.98 6.75
C LEU A 22 -4.06 -2.25 5.46
N ALA A 23 -5.32 -1.83 5.32
CA ALA A 23 -5.72 -1.09 4.14
C ALA A 23 -4.97 0.23 4.04
N CYS A 24 -4.83 0.91 5.18
CA CYS A 24 -4.11 2.17 5.19
C CYS A 24 -2.66 1.98 4.75
N ILE A 25 -2.04 0.89 5.22
CA ILE A 25 -0.68 0.60 4.81
C ILE A 25 -0.58 0.43 3.30
N PHE A 26 -1.62 -0.13 2.67
CA PHE A 26 -1.62 -0.26 1.22
C PHE A 26 -1.53 1.11 0.56
N LEU A 27 -2.18 2.11 1.16
CA LEU A 27 -2.07 3.47 0.64
C LEU A 27 -0.62 3.95 0.68
N ILE A 28 0.11 3.56 1.73
CA ILE A 28 1.52 3.89 1.81
C ILE A 28 2.30 3.27 0.64
N LYS A 29 1.88 2.07 0.22
CA LYS A 29 2.51 1.44 -0.94
C LYS A 29 2.36 2.31 -2.18
N ILE A 30 1.22 3.01 -2.30
CA ILE A 30 1.03 3.93 -3.42
C ILE A 30 2.09 5.03 -3.39
N LEU A 31 2.44 5.49 -2.18
CA LEU A 31 3.55 6.45 -2.06
C LEU A 31 4.86 5.85 -2.57
N ALA A 32 5.02 4.54 -2.41
CA ALA A 32 6.20 3.86 -2.93
C ALA A 32 6.28 3.96 -4.44
N ALA A 33 5.12 3.86 -5.10
CA ALA A 33 5.08 3.99 -6.56
C ALA A 33 5.59 5.36 -6.98
N SER A 34 5.24 6.39 -6.20
CA SER A 34 5.79 7.72 -6.43
C SER A 34 7.32 7.70 -6.32
N ALA A 35 7.84 6.88 -5.41
CA ALA A 35 9.28 6.78 -5.24
C ALA A 35 9.94 6.29 -6.53
N LEU A 36 9.30 5.32 -7.18
CA LEU A 36 9.82 4.83 -8.46
C LEU A 36 9.89 5.96 -9.48
N TRP A 37 8.91 6.87 -9.43
CA TRP A 37 8.98 8.07 -10.26
C TRP A 37 10.24 8.89 -9.97
N ALA A 38 10.69 8.86 -8.72
CA ALA A 38 11.95 9.49 -8.36
C ALA A 38 13.13 8.82 -9.09
N ALA A 39 13.04 7.50 -9.24
CA ALA A 39 14.09 6.77 -9.97
C ALA A 39 14.20 7.28 -11.39
N ALA A 40 13.05 7.59 -12.01
CA ALA A 40 13.06 8.17 -13.35
C ALA A 40 13.74 9.54 -13.37
N TRP A 41 13.49 10.33 -12.32
CA TRP A 41 14.11 11.66 -12.21
C TRP A 41 15.63 11.58 -12.21
N HIS A 42 16.20 10.47 -11.75
CA HIS A 42 17.63 10.25 -11.89
C HIS A 42 17.92 9.79 -13.32
N GLY A 43 17.39 8.63 -13.66
CA GLY A 43 17.31 8.25 -15.06
C GLY A 43 16.00 7.49 -15.33
N GLN A 44 15.21 8.00 -16.26
CA GLN A 44 14.11 7.21 -16.82
C GLN A 44 14.64 5.90 -17.42
N LYS A 45 13.88 4.82 -17.29
CA LYS A 45 14.31 3.52 -17.76
C LYS A 45 14.68 3.43 -19.26
N PRO A 46 14.11 4.20 -20.17
CA PRO A 46 14.56 4.20 -21.60
C PRO A 46 16.04 4.55 -21.77
N GLY A 47 16.59 5.27 -20.79
CA GLY A 47 17.98 5.70 -20.86
C GLY A 47 18.95 4.53 -21.02
N THR A 48 18.55 3.34 -20.57
CA THR A 48 19.41 2.17 -20.66
C THR A 48 19.82 1.92 -22.11
N HIS A 49 21.05 1.46 -22.31
CA HIS A 49 21.56 1.20 -23.65
C HIS A 49 21.06 -0.15 -24.16
N ARG A 4 -37.50 -1.91 10.58
CA ARG A 4 -36.02 -2.05 10.64
C ARG A 4 -35.58 -2.22 12.08
N SER A 5 -35.47 -3.47 12.52
CA SER A 5 -35.07 -3.76 13.90
C SER A 5 -33.72 -3.11 14.22
N LEU A 6 -33.57 -2.66 15.45
CA LEU A 6 -32.34 -2.00 15.88
C LEU A 6 -31.11 -2.89 15.69
N LEU A 7 -31.30 -4.21 15.68
CA LEU A 7 -30.17 -5.14 15.52
C LEU A 7 -29.40 -4.89 14.22
N GLU A 8 -30.06 -4.34 13.21
CA GLU A 8 -29.41 -4.09 11.92
C GLU A 8 -28.70 -2.73 11.86
N GLY A 9 -29.02 -1.82 12.79
CA GLY A 9 -28.41 -0.50 12.80
C GLY A 9 -27.18 -0.39 13.71
N GLU A 10 -26.70 -1.51 14.25
CA GLU A 10 -25.59 -1.47 15.20
C GLU A 10 -24.25 -1.49 14.47
N ILE A 11 -23.25 -0.86 15.08
CA ILE A 11 -21.92 -0.77 14.50
C ILE A 11 -21.13 -2.07 14.72
N PRO A 12 -20.33 -2.51 13.78
CA PRO A 12 -19.46 -3.71 14.00
C PRO A 12 -18.40 -3.45 15.06
N PHE A 13 -18.02 -4.48 15.80
CA PHE A 13 -17.15 -4.29 16.95
C PHE A 13 -15.85 -3.56 16.56
N PRO A 14 -15.29 -2.73 17.41
CA PRO A 14 -14.07 -1.93 17.04
C PRO A 14 -12.84 -2.71 16.57
N PRO A 15 -12.57 -3.94 16.99
CA PRO A 15 -11.32 -4.65 16.54
C PRO A 15 -11.21 -4.80 15.02
N THR A 16 -12.36 -4.86 14.33
CA THR A 16 -12.34 -5.00 12.87
C THR A 16 -11.61 -3.83 12.20
N SER A 17 -11.65 -2.65 12.83
CA SER A 17 -10.99 -1.48 12.25
C SER A 17 -9.49 -1.74 12.06
N ILE A 18 -8.89 -2.55 12.94
CA ILE A 18 -7.46 -2.83 12.78
C ILE A 18 -7.19 -3.49 11.43
N LEU A 19 -8.12 -4.31 10.95
CA LEU A 19 -7.98 -4.87 9.61
C LEU A 19 -7.95 -3.77 8.56
N LEU A 20 -8.76 -2.73 8.77
CA LEU A 20 -8.72 -1.58 7.87
C LEU A 20 -7.34 -0.93 7.86
N LEU A 21 -6.66 -0.94 9.01
CA LEU A 21 -5.31 -0.41 9.08
C LEU A 21 -4.37 -1.16 8.15
N LEU A 22 -4.59 -2.48 8.01
CA LEU A 22 -3.83 -3.24 7.02
C LEU A 22 -4.07 -2.72 5.61
N ALA A 23 -5.29 -2.24 5.35
CA ALA A 23 -5.58 -1.60 4.07
C ALA A 23 -4.73 -0.36 3.88
N CYS A 24 -4.54 0.39 4.96
CA CYS A 24 -3.70 1.59 4.90
C CYS A 24 -2.27 1.21 4.51
N ILE A 25 -1.79 0.08 5.02
CA ILE A 25 -0.45 -0.38 4.64
C ILE A 25 -0.35 -0.58 3.13
N PHE A 26 -1.43 -1.05 2.51
CA PHE A 26 -1.44 -1.16 1.05
C PHE A 26 -1.24 0.20 0.39
N LEU A 27 -1.82 1.24 0.99
CA LEU A 27 -1.59 2.59 0.49
C LEU A 27 -0.11 2.95 0.55
N ILE A 28 0.58 2.47 1.58
CA ILE A 28 2.02 2.71 1.67
C ILE A 28 2.75 2.12 0.45
N LYS A 29 2.26 0.98 -0.04
CA LYS A 29 2.84 0.40 -1.25
C LYS A 29 2.70 1.37 -2.42
N ILE A 30 1.59 2.11 -2.47
CA ILE A 30 1.44 3.15 -3.49
C ILE A 30 2.53 4.22 -3.35
N LEU A 31 2.91 4.52 -2.11
CA LEU A 31 4.00 5.46 -1.89
C LEU A 31 5.31 4.97 -2.51
N ALA A 32 5.50 3.65 -2.51
CA ALA A 32 6.67 3.07 -3.16
C ALA A 32 6.68 3.36 -4.65
N ALA A 33 5.50 3.29 -5.27
CA ALA A 33 5.38 3.63 -6.68
C ALA A 33 5.81 5.08 -6.92
N SER A 34 5.43 5.96 -6.00
CA SER A 34 5.87 7.34 -6.08
C SER A 34 7.40 7.44 -6.04
N ALA A 35 8.03 6.55 -5.29
CA ALA A 35 9.49 6.57 -5.21
C ALA A 35 10.11 6.33 -6.59
N LEU A 36 9.53 5.37 -7.33
CA LEU A 36 10.01 5.11 -8.67
C LEU A 36 9.90 6.35 -9.54
N TRP A 37 8.83 7.14 -9.34
CA TRP A 37 8.72 8.41 -10.05
C TRP A 37 9.89 9.33 -9.74
N ALA A 38 10.42 9.24 -8.51
CA ALA A 38 11.63 9.99 -8.16
C ALA A 38 12.82 9.55 -9.00
N ALA A 39 12.90 8.24 -9.27
CA ALA A 39 13.98 7.73 -10.09
C ALA A 39 13.96 8.36 -11.47
N ALA A 40 12.76 8.57 -12.02
CA ALA A 40 12.63 9.24 -13.30
C ALA A 40 13.12 10.69 -13.24
N TRP A 41 12.80 11.36 -12.12
CA TRP A 41 13.24 12.73 -11.91
C TRP A 41 14.77 12.87 -11.96
N HIS A 42 15.49 11.81 -11.62
CA HIS A 42 16.93 11.80 -11.81
C HIS A 42 17.23 11.51 -13.27
N GLY A 43 16.82 10.32 -13.71
CA GLY A 43 16.74 10.04 -15.13
C GLY A 43 15.53 9.17 -15.44
N GLN A 44 14.66 9.65 -16.32
CA GLN A 44 13.62 8.81 -16.90
C GLN A 44 14.23 7.56 -17.53
N LYS A 45 13.50 6.44 -17.45
CA LYS A 45 14.01 5.14 -17.89
C LYS A 45 15.47 4.89 -17.44
N PRO A 46 15.73 4.93 -16.14
CA PRO A 46 17.14 4.80 -15.64
C PRO A 46 17.81 3.53 -16.14
N GLY A 47 19.11 3.62 -16.41
CA GLY A 47 19.89 2.44 -16.78
C GLY A 47 19.80 1.38 -15.68
N THR A 48 19.81 0.11 -16.08
CA THR A 48 19.73 -0.97 -15.10
C THR A 48 20.86 -0.88 -14.09
N HIS A 49 20.57 -1.24 -12.85
CA HIS A 49 21.56 -1.18 -11.78
C HIS A 49 22.67 -2.19 -12.03
N ARG A 4 -35.92 -11.52 11.68
CA ARG A 4 -36.64 -10.25 11.36
C ARG A 4 -35.76 -9.40 10.44
N SER A 5 -36.37 -8.37 9.84
CA SER A 5 -35.63 -7.49 8.95
C SER A 5 -34.43 -6.83 9.64
N LEU A 6 -34.47 -6.71 10.96
CA LEU A 6 -33.39 -6.08 11.71
C LEU A 6 -32.04 -6.77 11.47
N LEU A 7 -32.07 -8.06 11.13
CA LEU A 7 -30.84 -8.81 10.91
C LEU A 7 -29.97 -8.18 9.81
N GLU A 8 -30.58 -7.48 8.87
CA GLU A 8 -29.85 -6.85 7.78
C GLU A 8 -29.34 -5.44 8.15
N GLY A 9 -29.92 -4.83 9.18
CA GLY A 9 -29.51 -3.49 9.61
C GLY A 9 -28.45 -3.49 10.72
N GLU A 10 -27.90 -4.66 11.08
CA GLU A 10 -26.97 -4.75 12.19
C GLU A 10 -25.54 -4.49 11.70
N ILE A 11 -24.74 -3.88 12.59
CA ILE A 11 -23.36 -3.53 12.23
C ILE A 11 -22.45 -4.76 12.33
N PRO A 12 -21.47 -4.93 11.46
CA PRO A 12 -20.50 -6.06 11.60
C PRO A 12 -19.65 -5.91 12.86
N PHE A 13 -19.25 -7.03 13.45
CA PHE A 13 -18.58 -6.99 14.74
C PHE A 13 -17.33 -6.08 14.69
N PRO A 14 -17.02 -5.38 15.75
CA PRO A 14 -15.86 -4.41 15.73
C PRO A 14 -14.47 -4.97 15.37
N PRO A 15 -14.11 -6.23 15.61
CA PRO A 15 -12.71 -6.71 15.34
C PRO A 15 -12.26 -6.49 13.90
N THR A 16 -13.20 -6.43 12.96
CA THR A 16 -12.86 -6.28 11.54
C THR A 16 -12.03 -5.01 11.27
N SER A 17 -12.16 -4.00 12.13
CA SER A 17 -11.55 -2.72 11.86
C SER A 17 -10.05 -2.84 11.68
N ILE A 18 -9.40 -3.77 12.40
CA ILE A 18 -7.96 -3.91 12.25
C ILE A 18 -7.57 -4.25 10.81
N LEU A 19 -8.43 -5.02 10.12
CA LEU A 19 -8.19 -5.31 8.72
C LEU A 19 -8.18 -4.02 7.90
N LEU A 20 -9.04 -3.07 8.27
CA LEU A 20 -9.03 -1.77 7.58
C LEU A 20 -7.68 -1.07 7.77
N LEU A 21 -7.07 -1.24 8.94
CA LEU A 21 -5.73 -0.68 9.17
C LEU A 21 -4.72 -1.27 8.19
N LEU A 22 -4.88 -2.54 7.84
CA LEU A 22 -4.02 -3.16 6.83
C LEU A 22 -4.14 -2.42 5.50
N ALA A 23 -5.34 -1.93 5.19
CA ALA A 23 -5.54 -1.15 3.98
C ALA A 23 -4.69 0.12 4.00
N CYS A 24 -4.62 0.75 5.18
CA CYS A 24 -3.80 1.95 5.32
C CYS A 24 -2.34 1.65 5.01
N ILE A 25 -1.86 0.50 5.49
CA ILE A 25 -0.47 0.13 5.23
C ILE A 25 -0.22 0.01 3.72
N PHE A 26 -1.20 -0.46 2.97
CA PHE A 26 -1.05 -0.50 1.52
C PHE A 26 -0.84 0.89 0.94
N LEU A 27 -1.49 1.90 1.54
CA LEU A 27 -1.27 3.27 1.11
C LEU A 27 0.19 3.68 1.28
N ILE A 28 0.83 3.18 2.36
CA ILE A 28 2.25 3.42 2.54
C ILE A 28 3.05 2.85 1.37
N LYS A 29 2.61 1.70 0.84
CA LYS A 29 3.26 1.13 -0.33
C LYS A 29 3.20 2.09 -1.52
N ILE A 30 2.10 2.84 -1.62
CA ILE A 30 1.99 3.84 -2.68
C ILE A 30 3.09 4.90 -2.53
N LEU A 31 3.43 5.23 -1.28
CA LEU A 31 4.52 6.19 -1.05
C LEU A 31 5.84 5.68 -1.63
N ALA A 32 6.04 4.36 -1.59
CA ALA A 32 7.20 3.76 -2.23
C ALA A 32 7.17 3.95 -3.74
N ALA A 33 5.97 3.82 -4.32
CA ALA A 33 5.83 3.96 -5.76
C ALA A 33 6.27 5.35 -6.23
N SER A 34 5.97 6.36 -5.42
CA SER A 34 6.38 7.72 -5.76
C SER A 34 7.90 7.82 -5.89
N ALA A 35 8.62 7.07 -5.06
CA ALA A 35 10.07 7.11 -5.11
C ALA A 35 10.56 6.61 -6.47
N LEU A 36 9.99 5.50 -6.93
CA LEU A 36 10.35 4.97 -8.24
C LEU A 36 10.06 5.99 -9.33
N TRP A 37 8.98 6.75 -9.18
CA TRP A 37 8.67 7.81 -10.14
C TRP A 37 9.79 8.84 -10.23
N ALA A 38 10.47 9.08 -9.11
CA ALA A 38 11.61 9.99 -9.12
C ALA A 38 12.72 9.47 -10.01
N ALA A 39 12.96 8.16 -9.94
CA ALA A 39 14.00 7.56 -10.76
C ALA A 39 13.71 7.76 -12.24
N ALA A 40 12.44 7.64 -12.61
CA ALA A 40 12.03 7.89 -13.99
C ALA A 40 12.25 9.35 -14.38
N TRP A 41 12.02 10.26 -13.44
CA TRP A 41 12.21 11.69 -13.67
C TRP A 41 13.63 12.02 -14.10
N HIS A 42 14.60 11.23 -13.68
CA HIS A 42 15.95 11.36 -14.20
C HIS A 42 16.03 10.64 -15.54
N GLY A 43 15.83 9.33 -15.51
CA GLY A 43 15.59 8.58 -16.73
C GLY A 43 14.57 7.47 -16.48
N GLN A 44 13.48 7.48 -17.23
CA GLN A 44 12.61 6.30 -17.32
C GLN A 44 13.41 5.08 -17.78
N LYS A 45 13.09 3.91 -17.23
CA LYS A 45 13.83 2.70 -17.56
C LYS A 45 13.81 2.45 -19.07
N PRO A 46 14.88 1.92 -19.66
CA PRO A 46 14.88 1.59 -21.11
C PRO A 46 13.76 0.63 -21.48
N GLY A 47 13.19 0.81 -22.68
CA GLY A 47 12.16 -0.10 -23.18
C GLY A 47 11.06 -0.34 -22.14
N THR A 48 10.22 -1.34 -22.40
CA THR A 48 9.16 -1.71 -21.46
C THR A 48 9.72 -2.05 -20.08
N HIS A 49 10.96 -2.49 -20.01
CA HIS A 49 11.58 -2.84 -18.73
C HIS A 49 11.81 -1.58 -17.90
N ARG A 4 -22.35 -21.04 -3.24
CA ARG A 4 -22.14 -19.68 -3.83
C ARG A 4 -22.58 -18.62 -2.83
N SER A 5 -23.86 -18.62 -2.51
CA SER A 5 -24.41 -17.66 -1.55
C SER A 5 -23.72 -17.75 -0.18
N LEU A 6 -23.15 -18.92 0.14
CA LEU A 6 -22.48 -19.11 1.42
C LEU A 6 -21.36 -18.10 1.65
N LEU A 7 -20.78 -17.55 0.58
CA LEU A 7 -19.68 -16.60 0.71
C LEU A 7 -20.08 -15.38 1.55
N GLU A 8 -21.37 -15.05 1.55
CA GLU A 8 -21.87 -13.90 2.30
C GLU A 8 -22.22 -14.27 3.76
N GLY A 9 -22.39 -15.57 4.04
CA GLY A 9 -22.77 -16.00 5.39
C GLY A 9 -21.56 -16.40 6.26
N GLU A 10 -20.33 -16.17 5.78
CA GLU A 10 -19.15 -16.53 6.54
C GLU A 10 -18.77 -15.40 7.49
N ILE A 11 -18.20 -15.76 8.64
CA ILE A 11 -17.88 -14.77 9.67
C ILE A 11 -16.58 -14.03 9.31
N PRO A 12 -16.46 -12.73 9.56
CA PRO A 12 -15.17 -12.01 9.35
C PRO A 12 -14.10 -12.50 10.32
N PHE A 13 -12.84 -12.45 9.88
CA PHE A 13 -11.72 -12.87 10.73
C PHE A 13 -11.73 -12.08 12.04
N PRO A 14 -11.31 -12.66 13.14
CA PRO A 14 -11.46 -11.98 14.47
C PRO A 14 -10.85 -10.57 14.55
N PRO A 15 -9.77 -10.26 13.84
CA PRO A 15 -9.34 -8.84 13.68
C PRO A 15 -10.46 -8.00 13.05
N THR A 16 -10.61 -6.76 13.52
CA THR A 16 -11.63 -5.87 12.95
C THR A 16 -11.01 -4.53 12.50
N SER A 17 -11.04 -3.51 13.36
CA SER A 17 -10.52 -2.20 12.98
C SER A 17 -9.05 -2.28 12.58
N ILE A 18 -8.29 -3.15 13.25
CA ILE A 18 -6.89 -3.33 12.88
C ILE A 18 -6.76 -3.79 11.43
N LEU A 19 -7.72 -4.58 10.95
CA LEU A 19 -7.71 -4.98 9.55
C LEU A 19 -7.81 -3.75 8.64
N LEU A 20 -8.60 -2.75 9.07
CA LEU A 20 -8.67 -1.51 8.31
C LEU A 20 -7.31 -0.84 8.22
N LEU A 21 -6.51 -0.96 9.29
CA LEU A 21 -5.14 -0.44 9.24
C LEU A 21 -4.34 -1.13 8.14
N LEU A 22 -4.62 -2.42 7.92
CA LEU A 22 -3.98 -3.13 6.80
C LEU A 22 -4.30 -2.45 5.47
N ALA A 23 -5.52 -1.92 5.36
CA ALA A 23 -5.90 -1.17 4.16
C ALA A 23 -5.02 0.07 4.00
N CYS A 24 -4.73 0.73 5.11
CA CYS A 24 -3.89 1.92 5.06
C CYS A 24 -2.51 1.57 4.52
N ILE A 25 -1.97 0.43 4.94
CA ILE A 25 -0.66 0.02 4.45
C ILE A 25 -0.67 -0.16 2.93
N PHE A 26 -1.79 -0.61 2.36
CA PHE A 26 -1.87 -0.72 0.92
C PHE A 26 -1.69 0.64 0.25
N LEU A 27 -2.23 1.69 0.88
CA LEU A 27 -2.00 3.04 0.36
C LEU A 27 -0.51 3.39 0.38
N ILE A 28 0.20 2.91 1.40
CA ILE A 28 1.64 3.15 1.45
C ILE A 28 2.33 2.53 0.24
N LYS A 29 1.85 1.37 -0.23
CA LYS A 29 2.42 0.77 -1.42
C LYS A 29 2.30 1.71 -2.62
N ILE A 30 1.20 2.47 -2.68
CA ILE A 30 1.05 3.47 -3.73
C ILE A 30 2.17 4.51 -3.65
N LEU A 31 2.55 4.87 -2.42
CA LEU A 31 3.67 5.78 -2.24
C LEU A 31 4.96 5.20 -2.82
N ALA A 32 5.10 3.88 -2.77
CA ALA A 32 6.27 3.23 -3.35
C ALA A 32 6.33 3.46 -4.85
N ALA A 33 5.16 3.42 -5.50
CA ALA A 33 5.11 3.70 -6.93
C ALA A 33 5.62 5.12 -7.21
N SER A 34 5.24 6.05 -6.34
CA SER A 34 5.75 7.41 -6.44
C SER A 34 7.28 7.43 -6.31
N ALA A 35 7.82 6.53 -5.48
CA ALA A 35 9.27 6.48 -5.30
C ALA A 35 9.97 6.17 -6.61
N LEU A 36 9.40 5.24 -7.38
CA LEU A 36 9.97 4.91 -8.68
C LEU A 36 9.99 6.14 -9.58
N TRP A 37 8.96 6.99 -9.47
CA TRP A 37 8.98 8.26 -10.19
C TRP A 37 10.18 9.12 -9.78
N ALA A 38 10.58 9.00 -8.51
CA ALA A 38 11.77 9.70 -8.04
C ALA A 38 13.02 9.21 -8.77
N ALA A 39 13.08 7.91 -9.05
CA ALA A 39 14.22 7.35 -9.77
C ALA A 39 14.37 8.01 -11.13
N ALA A 40 13.25 8.25 -11.80
CA ALA A 40 13.28 8.97 -13.06
C ALA A 40 13.79 10.40 -12.89
N TRP A 41 13.40 11.03 -11.78
CA TRP A 41 13.85 12.38 -11.44
C TRP A 41 15.37 12.49 -11.36
N HIS A 42 16.03 11.39 -10.99
CA HIS A 42 17.49 11.35 -11.05
C HIS A 42 17.91 11.12 -12.49
N GLY A 43 17.52 9.96 -13.03
CA GLY A 43 17.57 9.75 -14.47
C GLY A 43 16.35 8.94 -14.93
N GLN A 44 15.60 9.50 -15.86
CA GLN A 44 14.60 8.72 -16.60
C GLN A 44 15.27 7.54 -17.28
N LYS A 45 14.54 6.43 -17.41
CA LYS A 45 15.14 5.17 -17.83
C LYS A 45 15.90 5.20 -19.18
N PRO A 46 15.59 6.05 -20.14
CA PRO A 46 16.45 6.16 -21.36
C PRO A 46 17.90 6.50 -21.03
N GLY A 47 18.83 5.96 -21.81
CA GLY A 47 20.25 6.22 -21.57
C GLY A 47 20.84 5.21 -20.60
N THR A 48 20.14 4.98 -19.50
CA THR A 48 20.62 4.04 -18.48
C THR A 48 20.90 2.64 -19.06
N HIS A 49 20.20 2.29 -20.15
CA HIS A 49 20.40 0.98 -20.77
C HIS A 49 21.46 1.08 -21.86
N ARG A 4 -29.10 -6.72 5.68
CA ARG A 4 -29.34 -6.92 7.14
C ARG A 4 -29.61 -8.41 7.40
N SER A 5 -30.78 -8.87 6.96
CA SER A 5 -31.17 -10.26 7.16
C SER A 5 -30.20 -11.26 6.54
N LEU A 6 -29.40 -10.83 5.56
CA LEU A 6 -28.61 -11.75 4.73
C LEU A 6 -27.11 -11.44 4.81
N LEU A 7 -26.59 -10.61 3.91
CA LEU A 7 -25.14 -10.37 3.83
C LEU A 7 -24.55 -9.87 5.15
N GLU A 8 -25.37 -9.25 5.99
CA GLU A 8 -24.88 -8.64 7.23
C GLU A 8 -24.79 -9.62 8.40
N GLY A 9 -25.36 -10.81 8.26
CA GLY A 9 -25.36 -11.79 9.35
C GLY A 9 -24.19 -12.79 9.30
N GLU A 10 -23.25 -12.61 8.37
CA GLU A 10 -22.09 -13.49 8.30
C GLU A 10 -21.00 -12.95 9.23
N ILE A 11 -20.17 -13.85 9.76
CA ILE A 11 -19.18 -13.44 10.74
C ILE A 11 -17.95 -12.81 10.07
N PRO A 12 -17.35 -11.78 10.63
CA PRO A 12 -16.10 -11.18 10.05
C PRO A 12 -14.92 -12.15 10.12
N PHE A 13 -14.00 -12.03 9.16
CA PHE A 13 -12.75 -12.79 9.20
C PHE A 13 -12.03 -12.50 10.52
N PRO A 14 -11.31 -13.44 11.08
CA PRO A 14 -10.81 -13.29 12.48
C PRO A 14 -9.97 -12.01 12.73
N PRO A 15 -9.22 -11.51 11.76
CA PRO A 15 -8.68 -10.12 11.85
C PRO A 15 -9.81 -9.10 11.95
N THR A 16 -9.64 -8.06 12.77
CA THR A 16 -10.65 -6.99 12.84
C THR A 16 -10.01 -5.61 12.63
N SER A 17 -9.65 -4.90 13.70
CA SER A 17 -9.06 -3.58 13.56
C SER A 17 -7.76 -3.65 12.76
N ILE A 18 -7.01 -4.72 12.94
CA ILE A 18 -5.75 -4.86 12.19
C ILE A 18 -6.02 -4.86 10.69
N LEU A 19 -7.15 -5.43 10.27
CA LEU A 19 -7.49 -5.40 8.85
C LEU A 19 -7.65 -3.96 8.36
N LEU A 20 -8.23 -3.11 9.20
CA LEU A 20 -8.34 -1.70 8.85
C LEU A 20 -6.97 -1.07 8.65
N LEU A 21 -6.01 -1.48 9.47
CA LEU A 21 -4.64 -0.98 9.31
C LEU A 21 -4.08 -1.34 7.94
N LEU A 22 -4.42 -2.52 7.45
CA LEU A 22 -3.97 -2.94 6.12
C LEU A 22 -4.47 -1.99 5.04
N ALA A 23 -5.68 -1.45 5.23
CA ALA A 23 -6.23 -0.51 4.27
C ALA A 23 -5.38 0.75 4.20
N CYS A 24 -4.97 1.23 5.37
CA CYS A 24 -4.12 2.43 5.42
C CYS A 24 -2.81 2.19 4.69
N ILE A 25 -2.23 1.01 4.90
CA ILE A 25 -0.98 0.68 4.23
C ILE A 25 -1.15 0.72 2.71
N PHE A 26 -2.33 0.33 2.21
CA PHE A 26 -2.56 0.36 0.77
C PHE A 26 -2.41 1.77 0.22
N LEU A 27 -2.87 2.76 1.01
CA LEU A 27 -2.67 4.15 0.62
C LEU A 27 -1.18 4.48 0.55
N ILE A 28 -0.40 3.92 1.47
CA ILE A 28 1.05 4.09 1.39
C ILE A 28 1.60 3.49 0.11
N LYS A 29 1.01 2.38 -0.35
CA LYS A 29 1.55 1.68 -1.50
C LYS A 29 1.55 2.55 -2.75
N ILE A 30 0.47 3.32 -2.94
CA ILE A 30 0.46 4.23 -4.08
C ILE A 30 1.54 5.30 -3.95
N LEU A 31 1.81 5.75 -2.73
CA LEU A 31 2.93 6.66 -2.50
C LEU A 31 4.26 6.03 -2.90
N ALA A 32 4.36 4.71 -2.72
CA ALA A 32 5.57 3.99 -3.10
C ALA A 32 5.82 4.06 -4.60
N ALA A 33 4.73 3.97 -5.37
CA ALA A 33 4.86 4.04 -6.83
C ALA A 33 5.44 5.39 -7.23
N SER A 34 5.01 6.46 -6.55
CA SER A 34 5.60 7.77 -6.79
C SER A 34 7.09 7.77 -6.49
N ALA A 35 7.49 7.02 -5.46
CA ALA A 35 8.90 6.96 -5.10
C ALA A 35 9.72 6.37 -6.24
N LEU A 36 9.20 5.33 -6.88
CA LEU A 36 9.91 4.73 -8.00
C LEU A 36 10.13 5.74 -9.12
N TRP A 37 9.15 6.64 -9.32
CA TRP A 37 9.33 7.72 -10.28
C TRP A 37 10.53 8.59 -9.91
N ALA A 38 10.78 8.75 -8.61
CA ALA A 38 11.95 9.48 -8.15
C ALA A 38 13.24 8.77 -8.59
N ALA A 39 13.23 7.45 -8.51
CA ALA A 39 14.40 6.68 -8.90
C ALA A 39 14.77 6.93 -10.35
N ALA A 40 13.75 7.03 -11.21
CA ALA A 40 13.99 7.35 -12.60
C ALA A 40 14.61 8.74 -12.78
N TRP A 41 14.13 9.69 -11.95
CA TRP A 41 14.64 11.05 -11.99
C TRP A 41 16.15 11.11 -11.74
N HIS A 42 16.68 10.15 -10.98
CA HIS A 42 18.13 10.03 -10.85
C HIS A 42 18.67 9.31 -12.07
N GLY A 43 18.26 8.06 -12.24
CA GLY A 43 18.46 7.36 -13.50
C GLY A 43 17.27 6.47 -13.82
N GLN A 44 16.66 6.68 -14.98
CA GLN A 44 15.71 5.72 -15.52
C GLN A 44 16.35 4.34 -15.64
N LYS A 45 15.56 3.30 -15.40
CA LYS A 45 16.08 1.94 -15.39
C LYS A 45 16.79 1.61 -16.71
N PRO A 46 17.85 0.83 -16.71
CA PRO A 46 18.54 0.46 -17.98
C PRO A 46 17.60 -0.22 -18.96
N GLY A 47 17.81 0.02 -20.26
CA GLY A 47 17.00 -0.59 -21.30
C GLY A 47 17.03 -2.11 -21.17
N THR A 48 15.91 -2.75 -21.49
CA THR A 48 15.81 -4.21 -21.40
C THR A 48 16.88 -4.92 -22.23
N HIS A 49 17.38 -4.26 -23.27
CA HIS A 49 18.41 -4.85 -24.14
C HIS A 49 19.74 -4.15 -23.93
N ARG A 4 13.99 -14.66 14.30
CA ARG A 4 12.68 -14.09 14.72
C ARG A 4 11.59 -14.44 13.70
N SER A 5 11.71 -15.58 13.04
CA SER A 5 10.70 -16.00 12.06
C SER A 5 9.31 -16.11 12.68
N LEU A 6 9.23 -16.35 13.98
CA LEU A 6 7.93 -16.50 14.65
C LEU A 6 7.05 -15.26 14.48
N LEU A 7 7.66 -14.09 14.28
CA LEU A 7 6.88 -12.86 14.13
C LEU A 7 5.90 -12.93 12.96
N GLU A 8 6.22 -13.74 11.95
CA GLU A 8 5.35 -13.89 10.78
C GLU A 8 4.28 -14.96 10.97
N GLY A 9 4.46 -15.85 11.94
CA GLY A 9 3.52 -16.95 12.15
C GLY A 9 2.43 -16.65 13.19
N GLU A 10 2.35 -15.41 13.69
CA GLU A 10 1.35 -15.06 14.69
C GLU A 10 0.05 -14.63 14.01
N ILE A 11 -1.07 -14.91 14.67
CA ILE A 11 -2.37 -14.63 14.09
C ILE A 11 -2.72 -13.13 14.23
N PRO A 12 -3.36 -12.52 13.25
CA PRO A 12 -3.88 -11.12 13.42
C PRO A 12 -5.00 -11.08 14.46
N PHE A 13 -5.14 -9.96 15.16
CA PHE A 13 -6.14 -9.86 16.24
C PHE A 13 -7.53 -10.21 15.71
N PRO A 14 -8.37 -10.85 16.51
CA PRO A 14 -9.67 -11.38 15.97
C PRO A 14 -10.59 -10.36 15.29
N PRO A 15 -10.65 -9.11 15.69
CA PRO A 15 -11.48 -8.09 14.95
C PRO A 15 -11.04 -7.94 13.50
N THR A 16 -12.00 -7.88 12.59
CA THR A 16 -11.71 -7.54 11.20
C THR A 16 -11.08 -6.15 11.06
N SER A 17 -11.39 -5.25 12.00
CA SER A 17 -10.98 -3.86 11.85
C SER A 17 -9.48 -3.73 11.72
N ILE A 18 -8.72 -4.60 12.40
CA ILE A 18 -7.27 -4.52 12.29
C ILE A 18 -6.81 -4.73 10.85
N LEU A 19 -7.53 -5.58 10.10
CA LEU A 19 -7.24 -5.74 8.68
C LEU A 19 -7.43 -4.42 7.93
N LEU A 20 -8.44 -3.64 8.34
CA LEU A 20 -8.63 -2.33 7.73
C LEU A 20 -7.41 -1.44 7.95
N LEU A 21 -6.76 -1.57 9.10
CA LEU A 21 -5.54 -0.83 9.35
C LEU A 21 -4.47 -1.18 8.33
N LEU A 22 -4.42 -2.45 7.92
CA LEU A 22 -3.52 -2.86 6.85
C LEU A 22 -3.83 -2.11 5.55
N ALA A 23 -5.11 -1.81 5.33
CA ALA A 23 -5.50 -1.04 4.16
C ALA A 23 -4.86 0.35 4.17
N CYS A 24 -4.79 0.95 5.37
CA CYS A 24 -4.13 2.24 5.50
C CYS A 24 -2.65 2.11 5.09
N ILE A 25 -2.03 1.02 5.50
CA ILE A 25 -0.62 0.80 5.14
C ILE A 25 -0.46 0.74 3.62
N PHE A 26 -1.46 0.18 2.92
CA PHE A 26 -1.40 0.17 1.46
C PHE A 26 -1.35 1.60 0.90
N LEU A 27 -2.03 2.53 1.57
CA LEU A 27 -1.94 3.93 1.15
C LEU A 27 -0.49 4.42 1.23
N ILE A 28 0.23 3.96 2.26
CA ILE A 28 1.65 4.30 2.35
C ILE A 28 2.41 3.75 1.15
N LYS A 29 2.02 2.58 0.66
CA LYS A 29 2.65 2.02 -0.53
C LYS A 29 2.50 2.97 -1.72
N ILE A 30 1.37 3.67 -1.79
CA ILE A 30 1.18 4.66 -2.86
C ILE A 30 2.25 5.74 -2.79
N LEU A 31 2.63 6.12 -1.56
CA LEU A 31 3.76 7.05 -1.40
C LEU A 31 5.04 6.46 -1.98
N ALA A 32 5.19 5.14 -1.88
CA ALA A 32 6.31 4.45 -2.51
C ALA A 32 6.28 4.59 -4.02
N ALA A 33 5.07 4.57 -4.60
CA ALA A 33 4.95 4.69 -6.05
C ALA A 33 5.54 6.00 -6.54
N SER A 34 5.35 7.07 -5.76
CA SER A 34 5.98 8.34 -6.08
C SER A 34 7.50 8.19 -6.12
N ALA A 35 8.04 7.37 -5.24
CA ALA A 35 9.49 7.13 -5.23
C ALA A 35 9.93 6.51 -6.55
N LEU A 36 9.14 5.56 -7.05
CA LEU A 36 9.48 4.92 -8.31
C LEU A 36 9.57 5.94 -9.45
N TRP A 37 8.71 6.96 -9.41
CA TRP A 37 8.83 8.04 -10.38
C TRP A 37 10.20 8.73 -10.28
N ALA A 38 10.75 8.78 -9.06
CA ALA A 38 12.11 9.30 -8.89
C ALA A 38 13.13 8.41 -9.61
N ALA A 39 12.90 7.10 -9.56
CA ALA A 39 13.84 6.18 -10.19
C ALA A 39 13.92 6.45 -11.69
N ALA A 40 12.78 6.75 -12.31
CA ALA A 40 12.77 7.10 -13.72
C ALA A 40 13.54 8.39 -13.99
N TRP A 41 13.40 9.35 -13.08
CA TRP A 41 14.10 10.63 -13.20
C TRP A 41 15.62 10.47 -13.25
N HIS A 42 16.13 9.41 -12.64
CA HIS A 42 17.55 9.08 -12.79
C HIS A 42 17.74 8.36 -14.12
N GLY A 43 17.12 7.18 -14.22
CA GLY A 43 16.97 6.54 -15.52
C GLY A 43 15.61 5.84 -15.61
N GLN A 44 14.83 6.20 -16.62
CA GLN A 44 13.66 5.41 -16.99
C GLN A 44 14.07 3.97 -17.28
N LYS A 45 13.19 3.03 -16.94
CA LYS A 45 13.52 1.61 -17.09
C LYS A 45 13.91 1.28 -18.53
N PRO A 46 14.83 0.36 -18.76
CA PRO A 46 15.26 0.02 -20.16
C PRO A 46 14.10 -0.45 -21.04
N GLY A 47 13.03 -0.93 -20.42
CA GLY A 47 11.91 -1.48 -21.17
C GLY A 47 11.33 -0.49 -22.19
N THR A 48 11.52 0.81 -21.93
CA THR A 48 11.01 1.83 -22.85
C THR A 48 11.57 1.61 -24.25
N HIS A 49 10.76 1.91 -25.27
CA HIS A 49 11.17 1.75 -26.65
C HIS A 49 11.41 3.11 -27.31
N ARG A 4 -26.02 -7.22 -6.67
CA ARG A 4 -26.92 -8.18 -5.97
C ARG A 4 -27.16 -7.72 -4.54
N SER A 5 -28.43 -7.73 -4.12
CA SER A 5 -28.78 -7.34 -2.76
C SER A 5 -28.06 -8.19 -1.72
N LEU A 6 -27.69 -9.42 -2.07
CA LEU A 6 -27.01 -10.32 -1.14
C LEU A 6 -25.72 -9.71 -0.58
N LEU A 7 -25.11 -8.80 -1.32
CA LEU A 7 -23.85 -8.20 -0.88
C LEU A 7 -23.99 -7.51 0.48
N GLU A 8 -25.20 -7.05 0.79
CA GLU A 8 -25.46 -6.38 2.07
C GLU A 8 -25.80 -7.36 3.20
N GLY A 9 -26.20 -8.59 2.85
CA GLY A 9 -26.56 -9.58 3.85
C GLY A 9 -25.41 -10.52 4.26
N GLU A 10 -24.20 -10.31 3.72
CA GLU A 10 -23.08 -11.19 4.04
C GLU A 10 -22.37 -10.68 5.29
N ILE A 11 -21.83 -11.60 6.07
CA ILE A 11 -21.16 -11.23 7.32
C ILE A 11 -19.74 -10.71 7.05
N PRO A 12 -19.27 -9.71 7.77
CA PRO A 12 -17.85 -9.24 7.60
C PRO A 12 -16.85 -10.30 8.06
N PHE A 13 -15.67 -10.33 7.44
CA PHE A 13 -14.63 -11.26 7.84
C PHE A 13 -14.29 -11.07 9.32
N PRO A 14 -13.94 -12.11 10.05
CA PRO A 14 -13.78 -11.99 11.54
C PRO A 14 -12.81 -10.88 11.99
N PRO A 15 -11.76 -10.59 11.26
CA PRO A 15 -10.99 -9.33 11.49
C PRO A 15 -11.89 -8.11 11.29
N THR A 16 -11.72 -7.08 12.12
CA THR A 16 -12.48 -5.83 11.95
C THR A 16 -11.55 -4.62 11.85
N SER A 17 -11.30 -3.92 12.97
CA SER A 17 -10.45 -2.73 12.93
C SER A 17 -9.05 -3.06 12.41
N ILE A 18 -8.55 -4.25 12.75
CA ILE A 18 -7.23 -4.65 12.28
C ILE A 18 -7.19 -4.66 10.74
N LEU A 19 -8.31 -5.04 10.11
CA LEU A 19 -8.38 -5.00 8.66
C LEU A 19 -8.20 -3.57 8.15
N LEU A 20 -8.75 -2.60 8.89
CA LEU A 20 -8.56 -1.21 8.54
C LEU A 20 -7.08 -0.84 8.54
N LEU A 21 -6.33 -1.40 9.49
CA LEU A 21 -4.90 -1.16 9.52
C LEU A 21 -4.22 -1.66 8.24
N LEU A 22 -4.72 -2.78 7.72
CA LEU A 22 -4.21 -3.29 6.43
C LEU A 22 -4.43 -2.27 5.32
N ALA A 23 -5.54 -1.54 5.39
CA ALA A 23 -5.82 -0.52 4.38
C ALA A 23 -4.75 0.57 4.41
N CYS A 24 -4.35 0.96 5.62
CA CYS A 24 -3.33 1.99 5.76
C CYS A 24 -2.03 1.54 5.11
N ILE A 25 -1.68 0.26 5.30
CA ILE A 25 -0.47 -0.27 4.68
C ILE A 25 -0.55 -0.16 3.16
N PHE A 26 -1.75 -0.34 2.59
CA PHE A 26 -1.91 -0.14 1.16
C PHE A 26 -1.57 1.28 0.75
N LEU A 27 -1.93 2.25 1.60
CA LEU A 27 -1.69 3.65 1.28
C LEU A 27 -0.21 3.96 1.14
N ILE A 28 0.60 3.42 2.05
CA ILE A 28 2.04 3.61 1.92
C ILE A 28 2.59 2.96 0.65
N LYS A 29 2.01 1.82 0.26
CA LYS A 29 2.53 1.10 -0.90
C LYS A 29 2.44 1.94 -2.17
N ILE A 30 1.32 2.64 -2.34
CA ILE A 30 1.21 3.54 -3.49
C ILE A 30 2.24 4.67 -3.44
N LEU A 31 2.54 5.14 -2.24
CA LEU A 31 3.59 6.15 -2.08
C LEU A 31 4.94 5.63 -2.58
N ALA A 32 5.18 4.33 -2.39
CA ALA A 32 6.42 3.72 -2.86
C ALA A 32 6.54 3.78 -4.37
N ALA A 33 5.43 3.49 -5.05
CA ALA A 33 5.45 3.50 -6.51
C ALA A 33 5.80 4.89 -7.03
N SER A 34 5.24 5.91 -6.40
CA SER A 34 5.56 7.29 -6.76
C SER A 34 7.06 7.56 -6.58
N ALA A 35 7.65 6.98 -5.54
CA ALA A 35 9.05 7.23 -5.27
C ALA A 35 9.93 6.73 -6.41
N LEU A 36 9.63 5.53 -6.91
CA LEU A 36 10.41 4.99 -8.01
C LEU A 36 10.33 5.90 -9.24
N TRP A 37 9.17 6.50 -9.46
CA TRP A 37 9.03 7.47 -10.55
C TRP A 37 9.99 8.64 -10.38
N ALA A 38 10.24 9.03 -9.12
CA ALA A 38 11.20 10.08 -8.85
C ALA A 38 12.60 9.69 -9.26
N ALA A 39 12.96 8.43 -8.98
CA ALA A 39 14.31 7.96 -9.28
C ALA A 39 14.60 8.06 -10.77
N ALA A 40 13.61 7.73 -11.60
CA ALA A 40 13.77 7.84 -13.04
C ALA A 40 13.96 9.29 -13.49
N TRP A 41 13.17 10.18 -12.89
CA TRP A 41 13.24 11.60 -13.21
C TRP A 41 14.62 12.20 -12.98
N HIS A 42 15.37 11.65 -12.04
CA HIS A 42 16.76 12.06 -11.87
C HIS A 42 17.63 11.32 -12.89
N GLY A 43 17.66 10.00 -12.74
CA GLY A 43 18.21 9.15 -13.78
C GLY A 43 17.40 7.86 -13.90
N GLN A 44 16.89 7.59 -15.10
CA GLN A 44 16.38 6.25 -15.41
C GLN A 44 17.46 5.20 -15.16
N LYS A 45 17.05 4.02 -14.72
CA LYS A 45 18.00 3.01 -14.26
C LYS A 45 19.03 2.70 -15.35
N PRO A 46 20.29 2.42 -15.00
CA PRO A 46 21.32 2.06 -16.01
C PRO A 46 20.93 0.84 -16.84
N GLY A 47 20.07 -0.01 -16.30
CA GLY A 47 19.73 -1.28 -16.94
C GLY A 47 20.99 -2.11 -17.16
N THR A 48 21.77 -2.26 -16.09
CA THR A 48 23.01 -3.03 -16.16
C THR A 48 22.73 -4.46 -16.61
N HIS A 49 23.68 -5.03 -17.35
CA HIS A 49 23.55 -6.40 -17.83
C HIS A 49 24.76 -7.23 -17.41
N ARG A 4 12.87 -10.98 7.13
CA ARG A 4 11.48 -10.67 7.58
C ARG A 4 11.30 -11.12 9.02
N SER A 5 11.23 -10.16 9.94
CA SER A 5 11.08 -10.47 11.37
C SER A 5 9.85 -11.34 11.60
N LEU A 6 9.95 -12.23 12.59
CA LEU A 6 8.82 -13.08 12.95
C LEU A 6 7.56 -12.28 13.31
N LEU A 7 7.74 -11.04 13.76
CA LEU A 7 6.60 -10.20 14.15
C LEU A 7 5.61 -10.02 13.00
N GLU A 8 6.08 -10.13 11.76
CA GLU A 8 5.21 -9.95 10.59
C GLU A 8 4.49 -11.25 10.18
N GLY A 9 4.93 -12.39 10.69
CA GLY A 9 4.27 -13.67 10.38
C GLY A 9 3.21 -14.08 11.41
N GLU A 10 2.87 -13.19 12.34
CA GLU A 10 1.87 -13.51 13.36
C GLU A 10 0.48 -13.19 12.85
N ILE A 11 -0.53 -13.88 13.38
CA ILE A 11 -1.89 -13.72 12.88
C ILE A 11 -2.51 -12.45 13.46
N PRO A 12 -3.29 -11.70 12.70
CA PRO A 12 -3.97 -10.48 13.24
C PRO A 12 -5.01 -10.80 14.32
N PHE A 13 -5.16 -9.88 15.27
CA PHE A 13 -6.16 -10.04 16.32
C PHE A 13 -7.55 -10.24 15.71
N PRO A 14 -8.43 -11.00 16.33
CA PRO A 14 -9.71 -11.39 15.67
C PRO A 14 -10.61 -10.25 15.15
N PRO A 15 -10.64 -9.06 15.75
CA PRO A 15 -11.47 -7.94 15.19
C PRO A 15 -11.09 -7.61 13.74
N THR A 16 -12.10 -7.41 12.90
CA THR A 16 -11.87 -6.98 11.53
C THR A 16 -11.18 -5.62 11.44
N SER A 17 -11.41 -4.76 12.44
CA SER A 17 -11.04 -3.36 12.30
C SER A 17 -9.55 -3.19 12.06
N ILE A 18 -8.73 -3.98 12.75
CA ILE A 18 -7.29 -3.89 12.53
C ILE A 18 -6.92 -4.21 11.08
N LEU A 19 -7.68 -5.11 10.44
CA LEU A 19 -7.45 -5.39 9.04
C LEU A 19 -7.64 -4.14 8.19
N LEU A 20 -8.60 -3.29 8.57
CA LEU A 20 -8.77 -2.02 7.89
C LEU A 20 -7.51 -1.17 7.99
N LEU A 21 -6.83 -1.24 9.14
CA LEU A 21 -5.58 -0.51 9.31
C LEU A 21 -4.53 -0.98 8.31
N LEU A 22 -4.52 -2.28 8.03
CA LEU A 22 -3.63 -2.81 7.00
C LEU A 22 -3.93 -2.18 5.63
N ALA A 23 -5.20 -1.87 5.38
CA ALA A 23 -5.57 -1.20 4.14
C ALA A 23 -4.89 0.17 4.05
N CYS A 24 -4.83 0.86 5.18
CA CYS A 24 -4.12 2.14 5.21
C CYS A 24 -2.65 1.94 4.86
N ILE A 25 -2.06 0.86 5.34
CA ILE A 25 -0.68 0.56 4.99
C ILE A 25 -0.52 0.39 3.48
N PHE A 26 -1.53 -0.16 2.82
CA PHE A 26 -1.48 -0.27 1.36
C PHE A 26 -1.35 1.10 0.71
N LEU A 27 -2.01 2.11 1.30
CA LEU A 27 -1.84 3.47 0.81
C LEU A 27 -0.39 3.92 0.91
N ILE A 28 0.29 3.49 1.97
CA ILE A 28 1.72 3.79 2.09
C ILE A 28 2.50 3.20 0.93
N LYS A 29 2.08 2.02 0.47
CA LYS A 29 2.72 1.42 -0.70
C LYS A 29 2.61 2.33 -1.92
N ILE A 30 1.49 3.06 -2.02
CA ILE A 30 1.34 4.04 -3.09
C ILE A 30 2.42 5.11 -2.99
N LEU A 31 2.77 5.49 -1.75
CA LEU A 31 3.89 6.41 -1.56
C LEU A 31 5.19 5.85 -2.12
N ALA A 32 5.35 4.53 -2.05
CA ALA A 32 6.48 3.89 -2.69
C ALA A 32 6.46 4.08 -4.20
N ALA A 33 5.27 4.04 -4.78
CA ALA A 33 5.14 4.22 -6.23
C ALA A 33 5.68 5.58 -6.65
N SER A 34 5.45 6.60 -5.82
CA SER A 34 6.03 7.92 -6.10
C SER A 34 7.55 7.85 -6.12
N ALA A 35 8.13 6.98 -5.27
CA ALA A 35 9.58 6.82 -5.27
C ALA A 35 10.07 6.33 -6.62
N LEU A 36 9.32 5.39 -7.22
CA LEU A 36 9.69 4.89 -8.54
C LEU A 36 9.71 6.03 -9.56
N TRP A 37 8.79 7.00 -9.40
CA TRP A 37 8.84 8.19 -10.25
C TRP A 37 10.15 8.94 -10.08
N ALA A 38 10.72 8.89 -8.87
CA ALA A 38 12.04 9.46 -8.64
C ALA A 38 13.10 8.75 -9.47
N ALA A 39 12.96 7.44 -9.62
CA ALA A 39 13.90 6.68 -10.42
C ALA A 39 13.91 7.17 -11.86
N ALA A 40 12.73 7.52 -12.38
CA ALA A 40 12.64 8.11 -13.70
C ALA A 40 13.36 9.46 -13.77
N TRP A 41 13.23 10.24 -12.70
CA TRP A 41 13.91 11.53 -12.60
C TRP A 41 15.42 11.42 -12.75
N HIS A 42 15.98 10.27 -12.37
CA HIS A 42 17.39 10.01 -12.65
C HIS A 42 17.53 9.58 -14.10
N GLY A 43 16.91 8.44 -14.43
CA GLY A 43 16.69 8.09 -15.83
C GLY A 43 15.34 7.41 -16.00
N GLN A 44 14.51 7.98 -16.87
CA GLN A 44 13.33 7.27 -17.37
C GLN A 44 13.73 5.94 -18.01
N LYS A 45 12.88 4.93 -17.85
CA LYS A 45 13.18 3.60 -18.37
C LYS A 45 13.48 3.65 -19.88
N PRO A 46 14.38 2.83 -20.39
CA PRO A 46 14.76 2.90 -21.84
C PRO A 46 13.55 2.77 -22.77
N GLY A 47 13.62 3.47 -23.89
CA GLY A 47 12.57 3.37 -24.91
C GLY A 47 11.31 4.10 -24.49
N THR A 48 10.29 4.04 -25.34
CA THR A 48 9.02 4.68 -25.05
C THR A 48 8.43 4.18 -23.74
N HIS A 49 7.75 5.07 -23.01
CA HIS A 49 7.13 4.69 -21.75
C HIS A 49 5.66 4.35 -21.95
N ARG A 4 -28.49 -9.69 -4.61
CA ARG A 4 -29.96 -9.68 -4.34
C ARG A 4 -30.24 -10.43 -3.04
N SER A 5 -29.62 -11.59 -2.89
CA SER A 5 -29.83 -12.41 -1.70
C SER A 5 -29.51 -11.62 -0.43
N LEU A 6 -30.26 -11.89 0.64
CA LEU A 6 -30.01 -11.22 1.92
C LEU A 6 -28.59 -11.45 2.43
N LEU A 7 -27.95 -12.55 2.01
CA LEU A 7 -26.60 -12.86 2.47
C LEU A 7 -25.61 -11.74 2.14
N GLU A 8 -25.90 -10.96 1.09
CA GLU A 8 -25.00 -9.89 0.66
C GLU A 8 -25.21 -8.57 1.41
N GLY A 9 -26.33 -8.44 2.12
CA GLY A 9 -26.64 -7.18 2.81
C GLY A 9 -26.20 -7.17 4.28
N GLU A 10 -25.48 -8.20 4.74
CA GLU A 10 -25.07 -8.25 6.14
C GLU A 10 -23.75 -7.52 6.33
N ILE A 11 -23.59 -6.90 7.50
CA ILE A 11 -22.38 -6.15 7.82
C ILE A 11 -21.26 -7.10 8.24
N PRO A 12 -20.01 -6.86 7.87
CA PRO A 12 -18.87 -7.68 8.38
C PRO A 12 -18.68 -7.51 9.89
N PHE A 13 -18.26 -8.56 10.57
CA PHE A 13 -18.08 -8.51 12.02
C PHE A 13 -17.13 -7.38 12.41
N PRO A 14 -17.34 -6.71 13.54
CA PRO A 14 -16.48 -5.55 13.92
C PRO A 14 -14.96 -5.82 14.02
N PRO A 15 -14.48 -7.01 14.35
CA PRO A 15 -13.00 -7.27 14.36
C PRO A 15 -12.34 -6.97 13.01
N THR A 16 -13.11 -7.04 11.94
CA THR A 16 -12.57 -6.78 10.60
C THR A 16 -11.92 -5.40 10.48
N SER A 17 -12.33 -4.46 11.33
CA SER A 17 -11.85 -3.09 11.20
C SER A 17 -10.33 -3.03 11.28
N ILE A 18 -9.73 -3.90 12.11
CA ILE A 18 -8.28 -3.92 12.21
C ILE A 18 -7.65 -4.24 10.84
N LEU A 19 -8.31 -5.10 10.06
CA LEU A 19 -7.81 -5.39 8.72
C LEU A 19 -7.78 -4.14 7.86
N LEU A 20 -8.77 -3.27 8.03
CA LEU A 20 -8.76 -2.00 7.29
C LEU A 20 -7.53 -1.16 7.65
N LEU A 21 -7.10 -1.25 8.91
CA LEU A 21 -5.88 -0.54 9.31
C LEU A 21 -4.67 -1.05 8.51
N LEU A 22 -4.66 -2.35 8.23
CA LEU A 22 -3.63 -2.90 7.34
C LEU A 22 -3.71 -2.26 5.95
N ALA A 23 -4.93 -1.93 5.52
CA ALA A 23 -5.12 -1.24 4.24
C ALA A 23 -4.41 0.11 4.24
N CYS A 24 -4.44 0.78 5.38
CA CYS A 24 -3.75 2.07 5.49
C CYS A 24 -2.26 1.89 5.26
N ILE A 25 -1.69 0.82 5.83
CA ILE A 25 -0.27 0.55 5.61
C ILE A 25 0.02 0.35 4.13
N PHE A 26 -0.90 -0.28 3.41
CA PHE A 26 -0.73 -0.42 1.96
C PHE A 26 -0.65 0.94 1.28
N LEU A 27 -1.39 1.93 1.80
CA LEU A 27 -1.29 3.28 1.24
C LEU A 27 0.13 3.81 1.37
N ILE A 28 0.82 3.45 2.46
CA ILE A 28 2.22 3.84 2.60
C ILE A 28 3.06 3.25 1.47
N LYS A 29 2.72 2.02 1.06
CA LYS A 29 3.42 1.42 -0.08
C LYS A 29 3.23 2.27 -1.34
N ILE A 30 2.06 2.90 -1.48
CA ILE A 30 1.84 3.78 -2.62
C ILE A 30 2.84 4.94 -2.60
N LEU A 31 3.17 5.42 -1.40
CA LEU A 31 4.20 6.45 -1.28
C LEU A 31 5.54 5.97 -1.83
N ALA A 32 5.81 4.67 -1.69
CA ALA A 32 6.97 4.07 -2.32
C ALA A 32 6.88 4.15 -3.85
N ALA A 33 5.66 3.99 -4.37
CA ALA A 33 5.47 4.08 -5.82
C ALA A 33 5.90 5.45 -6.34
N SER A 34 5.66 6.49 -5.55
CA SER A 34 6.14 7.82 -5.91
C SER A 34 7.66 7.83 -6.06
N ALA A 35 8.35 7.03 -5.22
CA ALA A 35 9.81 6.95 -5.33
C ALA A 35 10.20 6.40 -6.70
N LEU A 36 9.45 5.41 -7.19
CA LEU A 36 9.70 4.90 -8.53
C LEU A 36 9.55 6.02 -9.57
N TRP A 37 8.63 6.94 -9.33
CA TRP A 37 8.51 8.12 -10.18
C TRP A 37 9.81 8.92 -10.19
N ALA A 38 10.53 8.91 -9.07
CA ALA A 38 11.85 9.51 -9.01
C ALA A 38 12.82 8.82 -9.96
N ALA A 39 12.68 7.50 -10.08
CA ALA A 39 13.51 6.75 -11.02
C ALA A 39 13.31 7.25 -12.45
N ALA A 40 12.06 7.60 -12.78
CA ALA A 40 11.77 8.18 -14.09
C ALA A 40 12.46 9.53 -14.28
N TRP A 41 12.50 10.33 -13.21
CA TRP A 41 13.18 11.62 -13.25
C TRP A 41 14.66 11.49 -13.60
N HIS A 42 15.26 10.34 -13.28
CA HIS A 42 16.61 10.05 -13.77
C HIS A 42 16.52 9.63 -15.22
N GLY A 43 15.83 8.52 -15.47
CA GLY A 43 15.38 8.20 -16.81
C GLY A 43 14.00 7.56 -16.76
N GLN A 44 13.04 8.16 -17.46
CA GLN A 44 11.76 7.50 -17.70
C GLN A 44 11.97 6.16 -18.38
N LYS A 45 11.14 5.18 -18.03
CA LYS A 45 11.26 3.84 -18.58
C LYS A 45 11.19 3.88 -20.11
N PRO A 46 11.91 3.03 -20.82
CA PRO A 46 11.83 3.01 -22.32
C PRO A 46 10.41 2.80 -22.82
N GLY A 47 10.07 3.45 -23.92
CA GLY A 47 8.74 3.31 -24.50
C GLY A 47 8.41 1.85 -24.83
N THR A 48 9.42 1.06 -25.16
CA THR A 48 9.21 -0.34 -25.52
C THR A 48 8.50 -1.13 -24.40
N HIS A 49 8.63 -0.68 -23.16
CA HIS A 49 8.01 -1.36 -22.03
C HIS A 49 6.73 -0.66 -21.61
N ARG A 4 -19.29 -23.81 -5.61
CA ARG A 4 -18.40 -23.51 -4.44
C ARG A 4 -19.12 -22.55 -3.49
N SER A 5 -20.42 -22.78 -3.28
CA SER A 5 -21.20 -21.94 -2.38
C SER A 5 -20.62 -21.88 -0.97
N LEU A 6 -19.90 -22.93 -0.57
CA LEU A 6 -19.33 -23.00 0.78
C LEU A 6 -18.42 -21.80 1.08
N LEU A 7 -17.83 -21.19 0.05
CA LEU A 7 -16.93 -20.06 0.25
C LEU A 7 -17.61 -18.91 0.99
N GLU A 8 -18.93 -18.79 0.84
CA GLU A 8 -19.68 -17.70 1.47
C GLU A 8 -20.12 -18.03 2.90
N GLY A 9 -20.03 -19.29 3.31
CA GLY A 9 -20.51 -19.69 4.64
C GLY A 9 -19.42 -19.70 5.72
N GLU A 10 -18.21 -19.25 5.40
CA GLU A 10 -17.13 -19.22 6.38
C GLU A 10 -17.19 -17.93 7.18
N ILE A 11 -16.79 -18.00 8.45
CA ILE A 11 -16.88 -16.84 9.33
C ILE A 11 -15.69 -15.88 9.08
N PRO A 12 -15.88 -14.58 9.14
CA PRO A 12 -14.74 -13.63 9.01
C PRO A 12 -13.79 -13.74 10.20
N PHE A 13 -12.49 -13.51 9.96
CA PHE A 13 -11.51 -13.56 11.04
C PHE A 13 -11.89 -12.59 12.16
N PRO A 14 -11.62 -12.91 13.41
CA PRO A 14 -12.08 -12.03 14.54
C PRO A 14 -11.61 -10.57 14.45
N PRO A 15 -10.46 -10.28 13.91
CA PRO A 15 -10.10 -8.85 13.60
C PRO A 15 -11.11 -8.20 12.67
N THR A 16 -11.41 -6.92 12.91
CA THR A 16 -12.30 -6.18 12.02
C THR A 16 -11.66 -4.85 11.58
N SER A 17 -11.94 -3.75 12.29
CA SER A 17 -11.47 -2.44 11.87
C SER A 17 -9.94 -2.41 11.77
N ILE A 18 -9.27 -3.13 12.66
CA ILE A 18 -7.81 -3.15 12.61
C ILE A 18 -7.31 -3.70 11.27
N LEU A 19 -8.06 -4.63 10.67
CA LEU A 19 -7.71 -5.09 9.33
C LEU A 19 -7.76 -3.94 8.33
N LEU A 20 -8.72 -3.03 8.51
CA LEU A 20 -8.76 -1.84 7.65
C LEU A 20 -7.48 -1.02 7.80
N LEU A 21 -6.91 -1.00 9.00
CA LEU A 21 -5.63 -0.32 9.20
C LEU A 21 -4.55 -0.95 8.33
N LEU A 22 -4.62 -2.27 8.15
CA LEU A 22 -3.71 -2.93 7.21
C LEU A 22 -3.89 -2.38 5.79
N ALA A 23 -5.13 -2.02 5.45
CA ALA A 23 -5.39 -1.39 4.17
C ALA A 23 -4.64 -0.05 4.06
N CYS A 24 -4.58 0.69 5.17
CA CYS A 24 -3.83 1.93 5.18
C CYS A 24 -2.36 1.67 4.86
N ILE A 25 -1.82 0.57 5.37
CA ILE A 25 -0.44 0.21 5.03
C ILE A 25 -0.29 0.02 3.52
N PHE A 26 -1.34 -0.52 2.88
CA PHE A 26 -1.29 -0.68 1.42
C PHE A 26 -1.13 0.66 0.73
N LEU A 27 -1.77 1.70 1.28
CA LEU A 27 -1.60 3.04 0.72
C LEU A 27 -0.13 3.46 0.79
N ILE A 28 0.56 3.07 1.87
CA ILE A 28 1.98 3.37 1.98
C ILE A 28 2.76 2.73 0.84
N LYS A 29 2.34 1.53 0.42
CA LYS A 29 3.00 0.90 -0.73
C LYS A 29 2.88 1.77 -1.98
N ILE A 30 1.75 2.47 -2.12
CA ILE A 30 1.60 3.42 -3.22
C ILE A 30 2.65 4.53 -3.12
N LEU A 31 2.99 4.94 -1.90
CA LEU A 31 4.07 5.91 -1.73
C LEU A 31 5.40 5.38 -2.28
N ALA A 32 5.59 4.06 -2.21
CA ALA A 32 6.75 3.44 -2.85
C ALA A 32 6.69 3.64 -4.37
N ALA A 33 5.49 3.56 -4.93
CA ALA A 33 5.33 3.82 -6.36
C ALA A 33 5.79 5.23 -6.71
N SER A 34 5.53 6.18 -5.80
CA SER A 34 6.04 7.53 -5.97
C SER A 34 7.57 7.52 -6.04
N ALA A 35 8.20 6.61 -5.29
CA ALA A 35 9.66 6.51 -5.33
C ALA A 35 10.12 6.16 -6.75
N LEU A 36 9.39 5.27 -7.41
CA LEU A 36 9.72 4.93 -8.79
C LEU A 36 9.64 6.18 -9.68
N TRP A 37 8.70 7.07 -9.39
CA TRP A 37 8.65 8.34 -10.09
C TRP A 37 9.94 9.13 -9.88
N ALA A 38 10.56 8.97 -8.71
CA ALA A 38 11.87 9.57 -8.46
C ALA A 38 12.92 9.02 -9.42
N ALA A 39 12.81 7.73 -9.74
CA ALA A 39 13.76 7.12 -10.67
C ALA A 39 13.68 7.82 -12.03
N ALA A 40 12.48 8.18 -12.45
CA ALA A 40 12.30 8.97 -13.67
C ALA A 40 12.96 10.34 -13.55
N TRP A 41 12.84 10.94 -12.36
CA TRP A 41 13.46 12.23 -12.08
C TRP A 41 14.97 12.21 -12.29
N HIS A 42 15.59 11.05 -12.11
CA HIS A 42 17.01 10.91 -12.44
C HIS A 42 17.15 10.75 -13.94
N GLY A 43 16.57 9.68 -14.48
CA GLY A 43 16.35 9.61 -15.92
C GLY A 43 15.03 8.93 -16.25
N GLN A 44 14.18 9.63 -16.98
CA GLN A 44 13.07 9.00 -17.69
C GLN A 44 13.60 7.91 -18.63
N LYS A 45 12.84 6.84 -18.80
CA LYS A 45 13.26 5.74 -19.66
C LYS A 45 13.56 6.25 -21.07
N PRO A 46 14.53 5.68 -21.77
CA PRO A 46 14.88 6.17 -23.14
C PRO A 46 13.68 6.15 -24.08
N GLY A 47 13.62 7.14 -24.98
CA GLY A 47 12.53 7.21 -25.95
C GLY A 47 12.45 5.94 -26.81
N THR A 48 13.57 5.26 -27.01
CA THR A 48 13.61 4.06 -27.83
C THR A 48 12.64 2.98 -27.32
N HIS A 49 12.32 3.01 -26.02
CA HIS A 49 11.43 2.01 -25.44
C HIS A 49 10.08 2.00 -26.16
N ARG A 4 -32.84 -4.41 2.74
CA ARG A 4 -32.26 -5.26 3.82
C ARG A 4 -30.87 -4.73 4.18
N SER A 5 -30.84 -3.67 4.98
CA SER A 5 -29.58 -3.06 5.39
C SER A 5 -28.68 -4.09 6.10
N LEU A 6 -27.38 -3.93 5.94
CA LEU A 6 -26.42 -4.82 6.58
C LEU A 6 -26.59 -4.85 8.10
N LEU A 7 -27.13 -3.77 8.68
CA LEU A 7 -27.33 -3.69 10.13
C LEU A 7 -28.19 -4.85 10.66
N GLU A 8 -29.05 -5.40 9.80
CA GLU A 8 -29.95 -6.49 10.21
C GLU A 8 -29.30 -7.87 10.08
N GLY A 9 -28.21 -7.97 9.32
CA GLY A 9 -27.51 -9.25 9.17
C GLY A 9 -26.34 -9.42 10.16
N GLU A 10 -26.26 -8.56 11.18
CA GLU A 10 -25.27 -8.62 12.26
C GLU A 10 -24.01 -7.82 11.89
N ILE A 11 -23.52 -7.06 12.85
CA ILE A 11 -22.32 -6.25 12.64
C ILE A 11 -21.05 -7.10 12.74
N PRO A 12 -20.04 -6.87 11.93
CA PRO A 12 -18.79 -7.68 12.00
C PRO A 12 -18.05 -7.47 13.32
N PHE A 13 -17.40 -8.52 13.82
CA PHE A 13 -16.74 -8.45 15.12
C PHE A 13 -15.73 -7.30 15.14
N PRO A 14 -15.54 -6.62 16.27
CA PRO A 14 -14.62 -5.46 16.33
C PRO A 14 -13.15 -5.71 15.91
N PRO A 15 -12.57 -6.89 16.05
CA PRO A 15 -11.17 -7.12 15.56
C PRO A 15 -10.99 -6.81 14.08
N THR A 16 -12.07 -6.88 13.31
CA THR A 16 -12.00 -6.61 11.88
C THR A 16 -11.44 -5.21 11.58
N SER A 17 -11.63 -4.27 12.52
CA SER A 17 -11.12 -2.92 12.30
C SER A 17 -9.61 -2.92 12.08
N ILE A 18 -8.91 -3.83 12.76
CA ILE A 18 -7.47 -3.95 12.56
C ILE A 18 -7.16 -4.27 11.10
N LEU A 19 -8.03 -5.05 10.44
CA LEU A 19 -7.85 -5.31 9.02
C LEU A 19 -7.90 -4.00 8.22
N LEU A 20 -8.76 -3.08 8.64
CA LEU A 20 -8.82 -1.77 7.98
C LEU A 20 -7.49 -1.04 8.06
N LEU A 21 -6.81 -1.19 9.21
CA LEU A 21 -5.47 -0.59 9.34
C LEU A 21 -4.51 -1.17 8.30
N LEU A 22 -4.66 -2.45 7.98
CA LEU A 22 -3.86 -3.05 6.91
C LEU A 22 -4.10 -2.35 5.58
N ALA A 23 -5.33 -1.88 5.37
CA ALA A 23 -5.63 -1.12 4.16
C ALA A 23 -4.81 0.16 4.12
N CYS A 24 -4.65 0.80 5.28
CA CYS A 24 -3.84 2.00 5.34
C CYS A 24 -2.40 1.70 4.93
N ILE A 25 -1.88 0.54 5.34
CA ILE A 25 -0.54 0.14 4.95
C ILE A 25 -0.44 0.02 3.42
N PHE A 26 -1.53 -0.41 2.76
CA PHE A 26 -1.52 -0.42 1.31
C PHE A 26 -1.31 0.99 0.75
N LEU A 27 -1.88 1.99 1.43
CA LEU A 27 -1.74 3.37 0.96
C LEU A 27 -0.28 3.80 0.96
N ILE A 28 0.46 3.42 2.01
CA ILE A 28 1.88 3.75 2.03
C ILE A 28 2.64 3.10 0.88
N LYS A 29 2.19 1.90 0.46
CA LYS A 29 2.81 1.27 -0.70
C LYS A 29 2.67 2.16 -1.94
N ILE A 30 1.54 2.87 -2.04
CA ILE A 30 1.38 3.83 -3.14
C ILE A 30 2.46 4.92 -3.06
N LEU A 31 2.82 5.32 -1.85
CA LEU A 31 3.91 6.28 -1.68
C LEU A 31 5.22 5.73 -2.26
N ALA A 32 5.41 4.41 -2.15
CA ALA A 32 6.57 3.77 -2.75
C ALA A 32 6.58 3.93 -4.27
N ALA A 33 5.40 3.83 -4.87
CA ALA A 33 5.29 3.97 -6.32
C ALA A 33 5.77 5.34 -6.77
N SER A 34 5.44 6.36 -5.98
CA SER A 34 5.93 7.71 -6.28
C SER A 34 7.46 7.75 -6.23
N ALA A 35 8.06 6.95 -5.36
CA ALA A 35 9.52 6.92 -5.28
C ALA A 35 10.12 6.45 -6.59
N LEU A 36 9.50 5.42 -7.18
CA LEU A 36 9.98 4.91 -8.47
C LEU A 36 9.93 6.00 -9.54
N TRP A 37 8.91 6.85 -9.48
CA TRP A 37 8.86 8.00 -10.39
C TRP A 37 10.07 8.91 -10.19
N ALA A 38 10.58 8.99 -8.95
CA ALA A 38 11.81 9.73 -8.69
C ALA A 38 12.98 9.11 -9.46
N ALA A 39 13.00 7.79 -9.53
CA ALA A 39 14.06 7.11 -10.28
C ALA A 39 14.04 7.54 -11.74
N ALA A 40 12.84 7.74 -12.29
CA ALA A 40 12.72 8.28 -13.64
C ALA A 40 13.31 9.68 -13.76
N TRP A 41 13.12 10.48 -12.70
CA TRP A 41 13.69 11.82 -12.65
C TRP A 41 15.21 11.83 -12.79
N HIS A 42 15.86 10.73 -12.37
CA HIS A 42 17.28 10.57 -12.64
C HIS A 42 17.45 10.11 -14.09
N GLY A 43 16.90 8.94 -14.39
CA GLY A 43 16.69 8.55 -15.77
C GLY A 43 15.37 7.79 -15.93
N GLN A 44 14.51 8.30 -16.80
CA GLN A 44 13.32 7.57 -17.20
C GLN A 44 13.67 6.19 -17.74
N LYS A 45 12.79 5.22 -17.48
CA LYS A 45 13.07 3.82 -17.80
C LYS A 45 13.42 3.54 -19.27
N PRO A 46 12.97 4.29 -20.26
CA PRO A 46 13.47 4.11 -21.66
C PRO A 46 14.99 4.23 -21.75
N GLY A 47 15.59 3.46 -22.65
CA GLY A 47 17.03 3.49 -22.85
C GLY A 47 17.80 3.32 -21.54
N THR A 48 17.50 2.25 -20.81
CA THR A 48 18.20 1.98 -19.56
C THR A 48 19.71 1.87 -19.75
N HIS A 49 20.15 1.52 -20.96
CA HIS A 49 21.58 1.38 -21.22
C HIS A 49 22.16 2.71 -21.70
N ARG A 4 11.10 -11.18 21.18
CA ARG A 4 9.91 -10.48 20.63
C ARG A 4 8.83 -10.40 21.69
N SER A 5 8.48 -9.17 22.09
CA SER A 5 7.48 -8.97 23.12
C SER A 5 6.17 -9.65 22.74
N LEU A 6 5.46 -10.15 23.75
CA LEU A 6 4.18 -10.81 23.52
C LEU A 6 3.17 -9.90 22.82
N LEU A 7 3.33 -8.58 22.96
CA LEU A 7 2.40 -7.63 22.34
C LEU A 7 2.32 -7.82 20.82
N GLU A 8 3.39 -8.33 20.21
CA GLU A 8 3.40 -8.56 18.77
C GLU A 8 2.82 -9.93 18.37
N GLY A 9 2.73 -10.85 19.32
CA GLY A 9 2.16 -12.17 19.05
C GLY A 9 0.67 -12.27 19.38
N GLU A 10 0.02 -11.16 19.72
CA GLU A 10 -1.39 -11.18 20.10
C GLU A 10 -2.28 -11.07 18.87
N ILE A 11 -3.45 -11.68 18.93
CA ILE A 11 -4.35 -11.71 17.77
C ILE A 11 -5.10 -10.39 17.64
N PRO A 12 -5.34 -9.90 16.43
CA PRO A 12 -6.08 -8.62 16.25
C PRO A 12 -7.53 -8.74 16.70
N PHE A 13 -8.09 -7.63 17.20
CA PHE A 13 -9.46 -7.66 17.71
C PHE A 13 -10.44 -8.19 16.65
N PRO A 14 -11.46 -8.91 17.04
CA PRO A 14 -12.31 -9.65 16.04
C PRO A 14 -12.93 -8.81 14.91
N PRO A 15 -13.26 -7.52 15.06
CA PRO A 15 -13.80 -6.73 13.91
C PRO A 15 -12.85 -6.72 12.72
N THR A 16 -13.42 -6.84 11.53
CA THR A 16 -12.66 -6.74 10.29
C THR A 16 -11.94 -5.39 10.14
N SER A 17 -12.46 -4.35 10.79
CA SER A 17 -11.94 -3.01 10.57
C SER A 17 -10.45 -2.93 10.85
N ILE A 18 -9.98 -3.69 11.84
CA ILE A 18 -8.54 -3.68 12.14
C ILE A 18 -7.74 -4.11 10.91
N LEU A 19 -8.27 -5.06 10.14
CA LEU A 19 -7.65 -5.43 8.87
C LEU A 19 -7.61 -4.24 7.92
N LEU A 20 -8.64 -3.41 7.96
CA LEU A 20 -8.65 -2.21 7.12
C LEU A 20 -7.48 -1.30 7.47
N LEU A 21 -7.10 -1.26 8.75
CA LEU A 21 -5.95 -0.46 9.15
C LEU A 21 -4.68 -0.96 8.46
N LEU A 22 -4.58 -2.28 8.26
CA LEU A 22 -3.48 -2.82 7.45
C LEU A 22 -3.55 -2.27 6.02
N ALA A 23 -4.76 -2.03 5.53
CA ALA A 23 -4.93 -1.40 4.22
C ALA A 23 -4.31 -0.02 4.20
N CYS A 24 -4.43 0.71 5.31
CA CYS A 24 -3.80 2.02 5.40
C CYS A 24 -2.29 1.89 5.24
N ILE A 25 -1.71 0.85 5.82
CA ILE A 25 -0.29 0.59 5.64
C ILE A 25 0.04 0.39 4.16
N PHE A 26 -0.87 -0.23 3.42
CA PHE A 26 -0.68 -0.37 1.98
C PHE A 26 -0.58 1.00 1.31
N LEU A 27 -1.33 1.98 1.83
CA LEU A 27 -1.23 3.34 1.29
C LEU A 27 0.19 3.87 1.44
N ILE A 28 0.85 3.51 2.54
CA ILE A 28 2.26 3.90 2.70
C ILE A 28 3.10 3.29 1.59
N LYS A 29 2.78 2.07 1.17
CA LYS A 29 3.49 1.46 0.05
C LYS A 29 3.34 2.29 -1.22
N ILE A 30 2.18 2.93 -1.39
CA ILE A 30 2.01 3.85 -2.52
C ILE A 30 3.01 5.00 -2.42
N LEU A 31 3.34 5.42 -1.20
CA LEU A 31 4.38 6.42 -1.02
C LEU A 31 5.72 5.91 -1.60
N ALA A 32 5.94 4.60 -1.49
CA ALA A 32 7.07 3.98 -2.18
C ALA A 32 6.95 4.12 -3.70
N ALA A 33 5.71 4.04 -4.20
CA ALA A 33 5.48 4.21 -5.63
C ALA A 33 5.96 5.58 -6.10
N SER A 34 5.82 6.59 -5.24
CA SER A 34 6.35 7.91 -5.56
C SER A 34 7.86 7.85 -5.79
N ALA A 35 8.55 6.98 -5.04
CA ALA A 35 9.97 6.81 -5.26
C ALA A 35 10.25 6.30 -6.68
N LEU A 36 9.41 5.37 -7.14
CA LEU A 36 9.55 4.88 -8.51
C LEU A 36 9.40 6.02 -9.52
N TRP A 37 8.54 6.98 -9.22
CA TRP A 37 8.43 8.17 -10.07
C TRP A 37 9.76 8.91 -10.15
N ALA A 38 10.54 8.87 -9.06
CA ALA A 38 11.88 9.45 -9.07
C ALA A 38 12.77 8.74 -10.10
N ALA A 39 12.60 7.43 -10.22
CA ALA A 39 13.37 6.67 -11.20
C ALA A 39 13.07 7.16 -12.61
N ALA A 40 11.80 7.49 -12.86
CA ALA A 40 11.42 8.07 -14.14
C ALA A 40 12.09 9.43 -14.37
N TRP A 41 12.20 10.21 -13.29
CA TRP A 41 12.84 11.53 -13.36
C TRP A 41 14.28 11.44 -13.87
N HIS A 42 14.94 10.31 -13.63
CA HIS A 42 16.25 10.07 -14.24
C HIS A 42 16.04 9.63 -15.68
N GLY A 43 15.41 8.46 -15.85
CA GLY A 43 14.85 8.09 -17.14
C GLY A 43 13.53 7.36 -16.96
N GLN A 44 12.47 7.87 -17.58
CA GLN A 44 11.25 7.09 -17.75
C GLN A 44 11.56 5.80 -18.53
N LYS A 45 10.88 4.72 -18.16
CA LYS A 45 11.03 3.42 -18.82
C LYS A 45 12.46 3.11 -19.29
N PRO A 46 13.45 3.13 -18.40
CA PRO A 46 14.87 2.96 -18.82
C PRO A 46 15.09 1.69 -19.63
N GLY A 47 15.97 1.78 -20.63
CA GLY A 47 16.32 0.62 -21.44
C GLY A 47 16.88 -0.54 -20.60
N THR A 48 17.50 -0.21 -19.46
CA THR A 48 18.10 -1.23 -18.62
C THR A 48 17.07 -2.28 -18.21
N HIS A 49 17.51 -3.52 -18.11
CA HIS A 49 16.63 -4.61 -17.71
C HIS A 49 16.13 -4.41 -16.28
N ARG A 4 0.97 -25.56 6.61
CA ARG A 4 0.07 -24.54 7.20
C ARG A 4 0.60 -24.11 8.56
N SER A 5 1.50 -23.12 8.56
CA SER A 5 2.10 -22.64 9.80
C SER A 5 1.03 -22.18 10.78
N LEU A 6 1.28 -22.39 12.06
CA LEU A 6 0.33 -21.99 13.09
C LEU A 6 0.01 -20.49 13.04
N LEU A 7 0.94 -19.68 12.53
CA LEU A 7 0.73 -18.24 12.45
C LEU A 7 -0.52 -17.88 11.64
N GLU A 8 -0.91 -18.75 10.71
CA GLU A 8 -2.08 -18.51 9.87
C GLU A 8 -3.39 -18.98 10.51
N GLY A 9 -3.31 -19.82 11.54
CA GLY A 9 -4.51 -20.35 12.20
C GLY A 9 -4.94 -19.54 13.42
N GLU A 10 -4.27 -18.43 13.73
CA GLU A 10 -4.65 -17.61 14.88
C GLU A 10 -5.71 -16.60 14.47
N ILE A 11 -6.63 -16.29 15.38
CA ILE A 11 -7.74 -15.40 15.06
C ILE A 11 -7.28 -13.93 15.10
N PRO A 12 -7.75 -13.08 14.22
CA PRO A 12 -7.49 -11.61 14.35
C PRO A 12 -8.19 -11.02 15.57
N PHE A 13 -7.63 -9.95 16.14
CA PHE A 13 -8.25 -9.33 17.32
C PHE A 13 -9.70 -8.95 17.02
N PRO A 14 -10.60 -9.04 17.98
CA PRO A 14 -12.05 -9.04 17.67
C PRO A 14 -12.57 -7.84 16.84
N PRO A 15 -12.04 -6.64 17.00
CA PRO A 15 -12.44 -5.52 16.08
C PRO A 15 -12.09 -5.80 14.63
N THR A 16 -13.03 -5.54 13.72
CA THR A 16 -12.73 -5.51 12.30
C THR A 16 -11.72 -4.40 11.94
N SER A 17 -11.67 -3.35 12.75
CA SER A 17 -10.94 -2.15 12.37
C SER A 17 -9.47 -2.47 12.11
N ILE A 18 -8.90 -3.43 12.85
CA ILE A 18 -7.48 -3.74 12.67
C ILE A 18 -7.21 -4.18 11.23
N LEU A 19 -8.16 -4.87 10.61
CA LEU A 19 -8.02 -5.20 9.19
C LEU A 19 -7.95 -3.94 8.35
N LEU A 20 -8.74 -2.93 8.73
CA LEU A 20 -8.70 -1.66 8.00
C LEU A 20 -7.32 -1.03 8.06
N LEU A 21 -6.63 -1.19 9.20
CA LEU A 21 -5.28 -0.65 9.31
C LEU A 21 -4.34 -1.30 8.29
N LEU A 22 -4.56 -2.59 8.02
CA LEU A 22 -3.80 -3.26 6.96
C LEU A 22 -4.05 -2.60 5.61
N ALA A 23 -5.26 -2.10 5.40
CA ALA A 23 -5.56 -1.37 4.17
C ALA A 23 -4.70 -0.11 4.08
N CYS A 24 -4.50 0.56 5.21
CA CYS A 24 -3.65 1.74 5.23
C CYS A 24 -2.23 1.39 4.80
N ILE A 25 -1.75 0.22 5.22
CA ILE A 25 -0.42 -0.22 4.82
C ILE A 25 -0.33 -0.34 3.29
N PHE A 26 -1.43 -0.75 2.65
CA PHE A 26 -1.45 -0.74 1.19
C PHE A 26 -1.24 0.67 0.65
N LEU A 27 -1.80 1.67 1.35
CA LEU A 27 -1.70 3.04 0.87
C LEU A 27 -0.24 3.51 0.83
N ILE A 28 0.52 3.17 1.86
CA ILE A 28 1.94 3.55 1.86
C ILE A 28 2.69 2.88 0.70
N LYS A 29 2.27 1.67 0.32
CA LYS A 29 2.88 1.02 -0.84
C LYS A 29 2.70 1.87 -2.10
N ILE A 30 1.56 2.56 -2.19
CA ILE A 30 1.35 3.49 -3.30
C ILE A 30 2.39 4.60 -3.27
N LEU A 31 2.76 5.03 -2.05
CA LEU A 31 3.83 6.02 -1.91
C LEU A 31 5.15 5.50 -2.50
N ALA A 32 5.37 4.19 -2.37
CA ALA A 32 6.56 3.58 -2.95
C ALA A 32 6.57 3.72 -4.47
N ALA A 33 5.40 3.58 -5.09
CA ALA A 33 5.29 3.75 -6.53
C ALA A 33 5.72 5.16 -6.93
N SER A 34 5.35 6.15 -6.11
CA SER A 34 5.82 7.51 -6.34
C SER A 34 7.34 7.58 -6.29
N ALA A 35 7.96 6.77 -5.44
CA ALA A 35 9.41 6.78 -5.33
C ALA A 35 10.05 6.38 -6.65
N LEU A 36 9.46 5.38 -7.31
CA LEU A 36 9.99 4.96 -8.61
C LEU A 36 9.94 6.11 -9.61
N TRP A 37 8.89 6.93 -9.53
CA TRP A 37 8.83 8.13 -10.35
C TRP A 37 10.01 9.06 -10.08
N ALA A 38 10.49 9.08 -8.83
CA ALA A 38 11.66 9.86 -8.49
C ALA A 38 12.89 9.36 -9.23
N ALA A 39 13.00 8.03 -9.37
CA ALA A 39 14.14 7.46 -10.07
C ALA A 39 14.21 7.95 -11.51
N ALA A 40 13.06 8.06 -12.15
CA ALA A 40 13.00 8.62 -13.49
C ALA A 40 13.45 10.09 -13.52
N TRP A 41 13.04 10.83 -12.49
CA TRP A 41 13.41 12.24 -12.36
C TRP A 41 14.93 12.46 -12.35
N HIS A 42 15.67 11.47 -11.86
CA HIS A 42 17.12 11.51 -11.96
C HIS A 42 17.53 11.09 -13.36
N GLY A 43 17.22 9.85 -13.70
CA GLY A 43 17.27 9.42 -15.08
C GLY A 43 16.14 8.45 -15.39
N GLN A 44 15.32 8.79 -16.39
CA GLN A 44 14.42 7.82 -17.00
C GLN A 44 15.20 6.61 -17.51
N LYS A 45 14.60 5.43 -17.40
CA LYS A 45 15.32 4.20 -17.74
C LYS A 45 15.88 4.26 -19.16
N PRO A 46 17.03 3.68 -19.43
CA PRO A 46 17.60 3.68 -20.82
C PRO A 46 16.65 3.05 -21.83
N GLY A 47 16.66 3.57 -23.05
CA GLY A 47 15.85 2.99 -24.13
C GLY A 47 16.21 1.53 -24.33
N THR A 48 15.22 0.72 -24.69
CA THR A 48 15.44 -0.71 -24.87
C THR A 48 16.54 -0.96 -25.89
N HIS A 49 17.34 -2.01 -25.66
CA HIS A 49 18.44 -2.34 -26.54
C HIS A 49 18.10 -3.56 -27.39
N ARG A 4 1.81 -21.12 5.31
CA ARG A 4 2.53 -19.88 4.89
C ARG A 4 3.34 -19.35 6.07
N SER A 5 4.35 -18.54 5.76
CA SER A 5 5.20 -17.95 6.80
C SER A 5 4.38 -17.12 7.80
N LEU A 6 3.23 -16.61 7.39
CA LEU A 6 2.39 -15.79 8.28
C LEU A 6 2.02 -16.53 9.56
N LEU A 7 1.97 -17.86 9.50
CA LEU A 7 1.57 -18.66 10.67
C LEU A 7 2.47 -18.40 11.88
N GLU A 8 3.71 -17.98 11.64
CA GLU A 8 4.68 -17.76 12.72
C GLU A 8 4.58 -16.36 13.33
N GLY A 9 3.92 -15.43 12.66
CA GLY A 9 3.83 -14.05 13.16
C GLY A 9 2.56 -13.78 13.98
N GLU A 10 1.73 -14.80 14.24
CA GLU A 10 0.53 -14.72 15.08
C GLU A 10 -0.68 -14.32 14.24
N ILE A 11 -1.85 -14.81 14.64
CA ILE A 11 -3.08 -14.51 13.90
C ILE A 11 -3.58 -13.12 14.28
N PRO A 12 -4.12 -12.34 13.35
CA PRO A 12 -4.72 -11.00 13.71
C PRO A 12 -5.95 -11.15 14.60
N PHE A 13 -6.17 -10.18 15.47
CA PHE A 13 -7.31 -10.24 16.39
C PHE A 13 -8.62 -10.41 15.62
N PRO A 14 -9.59 -11.12 16.15
CA PRO A 14 -10.80 -11.50 15.35
C PRO A 14 -11.59 -10.34 14.70
N PRO A 15 -11.66 -9.15 15.26
CA PRO A 15 -12.38 -8.03 14.57
C PRO A 15 -11.81 -7.74 13.19
N THR A 16 -12.69 -7.49 12.24
CA THR A 16 -12.29 -7.08 10.90
C THR A 16 -11.52 -5.76 10.89
N SER A 17 -11.74 -4.92 11.90
CA SER A 17 -11.18 -3.57 11.87
C SER A 17 -9.66 -3.60 11.75
N ILE A 18 -9.02 -4.60 12.35
CA ILE A 18 -7.56 -4.70 12.24
C ILE A 18 -7.14 -4.81 10.78
N LEU A 19 -7.93 -5.52 9.98
CA LEU A 19 -7.66 -5.58 8.54
C LEU A 19 -7.74 -4.20 7.90
N LEU A 20 -8.65 -3.36 8.40
CA LEU A 20 -8.76 -2.00 7.87
C LEU A 20 -7.46 -1.24 8.07
N LEU A 21 -6.80 -1.47 9.19
CA LEU A 21 -5.50 -0.85 9.43
C LEU A 21 -4.48 -1.28 8.37
N LEU A 22 -4.57 -2.54 7.95
CA LEU A 22 -3.70 -3.01 6.87
C LEU A 22 -3.95 -2.23 5.58
N ALA A 23 -5.20 -1.82 5.36
CA ALA A 23 -5.52 -1.02 4.18
C ALA A 23 -4.77 0.31 4.21
N CYS A 24 -4.69 0.91 5.38
CA CYS A 24 -3.96 2.16 5.52
C CYS A 24 -2.49 1.97 5.14
N ILE A 25 -1.92 0.83 5.57
CA ILE A 25 -0.53 0.55 5.23
C ILE A 25 -0.32 0.49 3.72
N PHE A 26 -1.32 -0.02 3.00
CA PHE A 26 -1.24 -0.03 1.53
C PHE A 26 -1.15 1.39 0.98
N LEU A 27 -1.82 2.33 1.63
CA LEU A 27 -1.71 3.72 1.22
C LEU A 27 -0.26 4.21 1.31
N ILE A 28 0.44 3.75 2.35
CA ILE A 28 1.85 4.08 2.47
C ILE A 28 2.64 3.53 1.28
N LYS A 29 2.25 2.35 0.79
CA LYS A 29 2.90 1.79 -0.38
C LYS A 29 2.76 2.72 -1.60
N ILE A 30 1.62 3.42 -1.69
CA ILE A 30 1.44 4.38 -2.76
C ILE A 30 2.49 5.48 -2.69
N LEU A 31 2.85 5.89 -1.47
CA LEU A 31 3.93 6.85 -1.30
C LEU A 31 5.24 6.31 -1.86
N ALA A 32 5.44 5.01 -1.74
CA ALA A 32 6.61 4.37 -2.34
C ALA A 32 6.59 4.47 -3.86
N ALA A 33 5.39 4.35 -4.44
CA ALA A 33 5.27 4.41 -5.90
C ALA A 33 5.78 5.75 -6.43
N SER A 34 5.52 6.81 -5.69
CA SER A 34 6.03 8.13 -6.08
C SER A 34 7.56 8.11 -6.14
N ALA A 35 8.18 7.38 -5.22
CA ALA A 35 9.64 7.28 -5.21
C ALA A 35 10.15 6.65 -6.50
N LEU A 36 9.45 5.60 -6.95
CA LEU A 36 9.84 4.93 -8.19
C LEU A 36 9.78 5.90 -9.36
N TRP A 37 8.81 6.82 -9.34
CA TRP A 37 8.77 7.87 -10.37
C TRP A 37 10.04 8.71 -10.37
N ALA A 38 10.63 8.90 -9.19
CA ALA A 38 11.90 9.60 -9.10
C ALA A 38 13.00 8.82 -9.83
N ALA A 39 12.97 7.50 -9.70
CA ALA A 39 13.98 6.68 -10.35
C ALA A 39 13.93 6.85 -11.86
N ALA A 40 12.72 6.96 -12.41
CA ALA A 40 12.57 7.23 -13.83
C ALA A 40 13.15 8.58 -14.22
N TRP A 41 12.95 9.57 -13.35
CA TRP A 41 13.48 10.92 -13.58
C TRP A 41 15.00 10.93 -13.76
N HIS A 42 15.68 9.98 -13.15
CA HIS A 42 17.11 9.82 -13.42
C HIS A 42 17.28 9.04 -14.71
N GLY A 43 16.82 7.80 -14.70
CA GLY A 43 16.64 7.06 -15.94
C GLY A 43 15.38 6.19 -15.87
N GLN A 44 14.47 6.39 -16.81
CA GLN A 44 13.40 5.42 -17.04
C GLN A 44 13.98 4.03 -17.33
N LYS A 45 13.30 2.99 -16.86
CA LYS A 45 13.80 1.62 -17.03
C LYS A 45 12.73 0.73 -17.65
N PRO A 46 12.36 0.94 -18.91
CA PRO A 46 11.36 0.06 -19.59
C PRO A 46 11.78 -1.41 -19.59
N GLY A 47 13.08 -1.67 -19.50
CA GLY A 47 13.58 -3.04 -19.47
C GLY A 47 12.95 -3.84 -18.33
N THR A 48 12.75 -5.12 -18.56
CA THR A 48 12.16 -5.99 -17.54
C THR A 48 13.01 -5.96 -16.27
N HIS A 49 12.34 -6.04 -15.12
CA HIS A 49 13.03 -6.01 -13.84
C HIS A 49 14.01 -7.19 -13.74
N ARG A 4 7.16 -7.02 28.85
CA ARG A 4 7.39 -5.72 28.16
C ARG A 4 7.52 -5.95 26.66
N SER A 5 8.60 -6.62 26.26
CA SER A 5 8.80 -6.94 24.85
C SER A 5 7.65 -7.76 24.27
N LEU A 6 6.95 -8.52 25.12
CA LEU A 6 5.83 -9.35 24.67
C LEU A 6 4.76 -8.53 23.93
N LEU A 7 4.65 -7.24 24.24
CA LEU A 7 3.63 -6.39 23.62
C LEU A 7 3.75 -6.39 22.10
N GLU A 8 4.95 -6.60 21.57
CA GLU A 8 5.16 -6.63 20.12
C GLU A 8 4.92 -8.03 19.53
N GLY A 9 4.93 -9.07 20.37
CA GLY A 9 4.66 -10.43 19.90
C GLY A 9 3.20 -10.85 20.07
N GLU A 10 2.31 -9.94 20.47
CA GLU A 10 0.93 -10.30 20.74
C GLU A 10 0.10 -10.23 19.47
N ILE A 11 -0.91 -11.08 19.39
CA ILE A 11 -1.75 -11.17 18.20
C ILE A 11 -2.79 -10.03 18.18
N PRO A 12 -3.11 -9.46 17.04
CA PRO A 12 -4.12 -8.36 16.97
C PRO A 12 -5.52 -8.87 17.34
N PHE A 13 -6.32 -7.99 17.94
CA PHE A 13 -7.65 -8.38 18.39
C PHE A 13 -8.47 -8.98 17.25
N PRO A 14 -9.33 -9.94 17.52
CA PRO A 14 -10.06 -10.66 16.41
C PRO A 14 -10.87 -9.81 15.41
N PRO A 15 -11.42 -8.64 15.76
CA PRO A 15 -12.26 -7.89 14.75
C PRO A 15 -11.52 -7.60 13.46
N THR A 16 -12.24 -7.74 12.35
CA THR A 16 -11.69 -7.47 11.02
C THR A 16 -11.21 -6.03 10.84
N SER A 17 -11.73 -5.10 11.63
CA SER A 17 -11.46 -3.69 11.39
C SER A 17 -9.96 -3.41 11.42
N ILE A 18 -9.24 -4.09 12.31
CA ILE A 18 -7.79 -3.90 12.37
C ILE A 18 -7.13 -4.24 11.03
N LEU A 19 -7.67 -5.25 10.34
CA LEU A 19 -7.16 -5.57 9.00
C LEU A 19 -7.35 -4.39 8.05
N LEU A 20 -8.46 -3.65 8.21
CA LEU A 20 -8.66 -2.46 7.41
C LEU A 20 -7.56 -1.43 7.66
N LEU A 21 -7.08 -1.35 8.90
CA LEU A 21 -5.97 -0.45 9.20
C LEU A 21 -4.72 -0.83 8.41
N LEU A 22 -4.51 -2.14 8.21
CA LEU A 22 -3.44 -2.59 7.33
C LEU A 22 -3.65 -2.08 5.90
N ALA A 23 -4.92 -1.93 5.50
CA ALA A 23 -5.21 -1.34 4.19
C ALA A 23 -4.67 0.09 4.12
N CYS A 24 -4.78 0.82 5.23
CA CYS A 24 -4.20 2.17 5.27
C CYS A 24 -2.69 2.11 5.03
N ILE A 25 -2.03 1.08 5.60
CA ILE A 25 -0.61 0.91 5.35
C ILE A 25 -0.35 0.71 3.86
N PHE A 26 -1.28 0.06 3.16
CA PHE A 26 -1.13 -0.08 1.71
C PHE A 26 -1.08 1.29 1.04
N LEU A 27 -1.82 2.26 1.58
CA LEU A 27 -1.73 3.62 1.04
C LEU A 27 -0.30 4.16 1.17
N ILE A 28 0.39 3.79 2.26
CA ILE A 28 1.79 4.16 2.39
C ILE A 28 2.61 3.57 1.25
N LYS A 29 2.25 2.36 0.80
CA LYS A 29 2.93 1.77 -0.35
C LYS A 29 2.79 2.65 -1.58
N ILE A 30 1.65 3.34 -1.71
CA ILE A 30 1.49 4.28 -2.81
C ILE A 30 2.54 5.38 -2.74
N LEU A 31 2.90 5.79 -1.52
CA LEU A 31 4.02 6.72 -1.35
C LEU A 31 5.30 6.13 -1.93
N ALA A 32 5.45 4.80 -1.83
CA ALA A 32 6.55 4.11 -2.51
C ALA A 32 6.45 4.27 -4.04
N ALA A 33 5.23 4.32 -4.55
CA ALA A 33 5.04 4.54 -5.98
C ALA A 33 5.67 5.88 -6.41
N SER A 34 5.58 6.87 -5.53
CA SER A 34 6.27 8.14 -5.77
C SER A 34 7.77 7.92 -5.92
N ALA A 35 8.32 6.96 -5.17
CA ALA A 35 9.73 6.64 -5.30
C ALA A 35 10.04 6.16 -6.71
N LEU A 36 9.15 5.35 -7.28
CA LEU A 36 9.36 4.87 -8.64
C LEU A 36 9.42 6.03 -9.63
N TRP A 37 8.63 7.07 -9.39
CA TRP A 37 8.75 8.29 -10.19
C TRP A 37 10.16 8.88 -10.09
N ALA A 38 10.80 8.71 -8.93
CA ALA A 38 12.20 9.10 -8.79
C ALA A 38 13.08 8.31 -9.75
N ALA A 39 12.76 7.04 -9.95
CA ALA A 39 13.50 6.22 -10.89
C ALA A 39 13.42 6.80 -12.29
N ALA A 40 12.26 7.36 -12.64
CA ALA A 40 12.11 8.05 -13.93
C ALA A 40 13.01 9.29 -14.00
N TRP A 41 13.14 9.99 -12.87
CA TRP A 41 14.01 11.16 -12.80
C TRP A 41 15.46 10.83 -13.15
N HIS A 42 15.87 9.60 -12.91
CA HIS A 42 17.18 9.14 -13.41
C HIS A 42 17.04 8.81 -14.89
N GLY A 43 16.21 7.83 -15.20
CA GLY A 43 15.75 7.63 -16.57
C GLY A 43 14.29 7.20 -16.59
N GLN A 44 13.46 7.95 -17.28
CA GLN A 44 12.12 7.49 -17.64
C GLN A 44 12.21 6.17 -18.42
N LYS A 45 11.22 5.29 -18.22
CA LYS A 45 11.19 3.98 -18.88
C LYS A 45 12.57 3.30 -18.85
N PRO A 46 13.15 3.12 -17.68
CA PRO A 46 14.55 2.58 -17.58
C PRO A 46 14.72 1.22 -18.26
N GLY A 47 13.63 0.48 -18.38
CA GLY A 47 13.71 -0.85 -18.98
C GLY A 47 14.67 -1.73 -18.19
N THR A 48 15.90 -1.85 -18.69
CA THR A 48 16.93 -2.62 -18.00
C THR A 48 17.13 -2.10 -16.58
N HIS A 49 17.42 -3.01 -15.66
CA HIS A 49 17.62 -2.63 -14.27
C HIS A 49 18.91 -1.83 -14.11
N ARG A 4 -23.29 -30.86 6.09
CA ARG A 4 -22.38 -29.69 5.97
C ARG A 4 -21.93 -29.23 7.34
N SER A 5 -20.61 -29.17 7.55
CA SER A 5 -20.07 -28.77 8.83
C SER A 5 -20.57 -27.39 9.22
N LEU A 6 -20.78 -27.19 10.53
CA LEU A 6 -21.20 -25.89 11.05
C LEU A 6 -20.24 -24.77 10.67
N LEU A 7 -18.97 -25.10 10.42
CA LEU A 7 -17.97 -24.08 10.12
C LEU A 7 -18.36 -23.21 8.92
N GLU A 8 -19.16 -23.77 8.00
CA GLU A 8 -19.59 -23.01 6.84
C GLU A 8 -20.86 -22.19 7.10
N GLY A 9 -21.61 -22.52 8.15
CA GLY A 9 -22.78 -21.73 8.54
C GLY A 9 -22.49 -20.68 9.60
N GLU A 10 -21.23 -20.54 10.04
CA GLU A 10 -20.91 -19.67 11.16
C GLU A 10 -20.66 -18.24 10.69
N ILE A 11 -21.00 -17.27 11.54
CA ILE A 11 -20.79 -15.87 11.23
C ILE A 11 -19.33 -15.49 11.48
N PRO A 12 -18.73 -14.63 10.67
CA PRO A 12 -17.29 -14.27 10.85
C PRO A 12 -17.05 -13.51 12.16
N PHE A 13 -15.88 -13.71 12.76
CA PHE A 13 -15.59 -13.12 14.06
C PHE A 13 -15.79 -11.60 14.04
N PRO A 14 -16.25 -11.00 15.13
CA PRO A 14 -16.54 -9.52 15.12
C PRO A 14 -15.36 -8.61 14.72
N PRO A 15 -14.11 -8.94 14.99
CA PRO A 15 -12.97 -8.11 14.48
C PRO A 15 -13.00 -7.97 12.96
N THR A 16 -12.66 -6.77 12.48
CA THR A 16 -12.65 -6.53 11.04
C THR A 16 -11.91 -5.22 10.73
N SER A 17 -12.32 -4.14 11.38
CA SER A 17 -11.77 -2.83 11.07
C SER A 17 -10.25 -2.82 11.25
N ILE A 18 -9.74 -3.60 12.20
CA ILE A 18 -8.28 -3.64 12.40
C ILE A 18 -7.60 -4.13 11.11
N LEU A 19 -8.24 -5.05 10.39
CA LEU A 19 -7.74 -5.43 9.07
C LEU A 19 -7.72 -4.23 8.12
N LEU A 20 -8.71 -3.34 8.27
CA LEU A 20 -8.73 -2.12 7.47
C LEU A 20 -7.47 -1.28 7.73
N LEU A 21 -6.99 -1.29 8.98
CA LEU A 21 -5.77 -0.56 9.30
C LEU A 21 -4.59 -1.10 8.49
N LEU A 22 -4.57 -2.42 8.27
CA LEU A 22 -3.56 -2.99 7.37
C LEU A 22 -3.68 -2.42 5.97
N ALA A 23 -4.91 -2.12 5.55
CA ALA A 23 -5.13 -1.48 4.26
C ALA A 23 -4.44 -0.11 4.19
N CYS A 24 -4.47 0.62 5.31
CA CYS A 24 -3.81 1.90 5.37
C CYS A 24 -2.31 1.74 5.12
N ILE A 25 -1.73 0.67 5.68
CA ILE A 25 -0.31 0.41 5.44
C ILE A 25 -0.04 0.22 3.94
N PHE A 26 -1.00 -0.40 3.24
CA PHE A 26 -0.86 -0.51 1.78
C PHE A 26 -0.78 0.86 1.13
N LEU A 27 -1.50 1.83 1.68
CA LEU A 27 -1.42 3.20 1.16
C LEU A 27 0.01 3.73 1.27
N ILE A 28 0.70 3.36 2.34
CA ILE A 28 2.11 3.73 2.45
C ILE A 28 2.92 3.15 1.29
N LYS A 29 2.55 1.95 0.85
CA LYS A 29 3.21 1.36 -0.32
C LYS A 29 3.03 2.25 -1.55
N ILE A 30 1.88 2.91 -1.65
CA ILE A 30 1.67 3.86 -2.75
C ILE A 30 2.70 4.99 -2.70
N LEU A 31 3.07 5.40 -1.48
CA LEU A 31 4.13 6.39 -1.33
C LEU A 31 5.44 5.88 -1.93
N ALA A 32 5.67 4.58 -1.85
CA ALA A 32 6.81 3.97 -2.52
C ALA A 32 6.72 4.13 -4.04
N ALA A 33 5.50 4.04 -4.56
CA ALA A 33 5.30 4.23 -6.00
C ALA A 33 5.78 5.62 -6.43
N SER A 34 5.57 6.61 -5.56
CA SER A 34 6.10 7.95 -5.83
C SER A 34 7.62 7.92 -5.99
N ALA A 35 8.28 7.05 -5.22
CA ALA A 35 9.72 6.91 -5.35
C ALA A 35 10.09 6.43 -6.75
N LEU A 36 9.31 5.50 -7.29
CA LEU A 36 9.57 5.00 -8.64
C LEU A 36 9.52 6.14 -9.65
N TRP A 37 8.61 7.08 -9.46
CA TRP A 37 8.60 8.27 -10.30
C TRP A 37 9.92 9.04 -10.22
N ALA A 38 10.56 8.99 -9.05
CA ALA A 38 11.90 9.56 -8.91
C ALA A 38 12.89 8.85 -9.84
N ALA A 39 12.72 7.53 -9.98
CA ALA A 39 13.57 6.77 -10.88
C ALA A 39 13.45 7.29 -12.31
N ALA A 40 12.24 7.68 -12.70
CA ALA A 40 12.03 8.30 -14.00
C ALA A 40 12.80 9.61 -14.14
N TRP A 41 12.84 10.38 -13.04
CA TRP A 41 13.60 11.63 -13.01
C TRP A 41 15.07 11.41 -13.33
N HIS A 42 15.60 10.23 -13.03
CA HIS A 42 16.95 9.88 -13.45
C HIS A 42 16.90 9.50 -14.93
N GLY A 43 16.15 8.45 -15.23
CA GLY A 43 15.75 8.18 -16.60
C GLY A 43 14.33 7.62 -16.64
N GLN A 44 13.46 8.30 -17.38
CA GLN A 44 12.16 7.75 -17.72
C GLN A 44 12.29 6.40 -18.40
N LYS A 45 11.35 5.50 -18.14
CA LYS A 45 11.40 4.16 -18.70
C LYS A 45 11.47 4.21 -20.23
N PRO A 46 12.18 3.29 -20.88
CA PRO A 46 12.29 3.32 -22.38
C PRO A 46 10.93 3.30 -23.07
N GLY A 47 9.90 2.78 -22.39
CA GLY A 47 8.57 2.70 -22.98
C GLY A 47 8.09 4.06 -23.46
N THR A 48 7.36 4.07 -24.57
CA THR A 48 6.85 5.31 -25.14
C THR A 48 5.98 6.09 -24.14
N HIS A 49 5.39 5.40 -23.16
CA HIS A 49 4.55 6.05 -22.17
C HIS A 49 5.32 6.25 -20.86
N ARG A 4 -17.06 16.51 -0.33
CA ARG A 4 -17.71 15.41 -1.10
C ARG A 4 -18.88 14.85 -0.30
N SER A 5 -19.51 13.81 -0.83
CA SER A 5 -20.66 13.20 -0.17
C SER A 5 -20.30 12.75 1.24
N LEU A 6 -21.27 12.83 2.14
CA LEU A 6 -21.07 12.39 3.53
C LEU A 6 -20.63 10.93 3.61
N LEU A 7 -20.99 10.13 2.61
CA LEU A 7 -20.63 8.71 2.62
C LEU A 7 -19.12 8.48 2.73
N GLU A 8 -18.33 9.46 2.29
CA GLU A 8 -16.87 9.34 2.34
C GLU A 8 -16.28 9.79 3.69
N GLY A 9 -17.04 10.55 4.47
CA GLY A 9 -16.59 10.96 5.80
C GLY A 9 -17.08 10.04 6.92
N GLU A 10 -17.77 8.95 6.59
CA GLU A 10 -18.30 8.06 7.61
C GLU A 10 -17.26 7.01 7.99
N ILE A 11 -17.31 6.55 9.24
CA ILE A 11 -16.34 5.57 9.72
C ILE A 11 -16.73 4.16 9.24
N PRO A 12 -15.80 3.31 8.89
CA PRO A 12 -16.14 1.93 8.42
C PRO A 12 -16.76 1.10 9.55
N PHE A 13 -17.66 0.20 9.18
CA PHE A 13 -18.36 -0.62 10.17
C PHE A 13 -17.37 -1.36 11.07
N PRO A 14 -17.66 -1.57 12.33
CA PRO A 14 -16.67 -2.20 13.27
C PRO A 14 -16.13 -3.60 12.88
N PRO A 15 -16.85 -4.45 12.16
CA PRO A 15 -16.27 -5.78 11.76
C PRO A 15 -14.96 -5.64 10.99
N THR A 16 -14.03 -6.56 11.27
CA THR A 16 -12.70 -6.61 10.65
C THR A 16 -12.09 -5.22 10.39
N SER A 17 -12.49 -4.22 11.16
CA SER A 17 -11.97 -2.87 10.94
C SER A 17 -10.45 -2.83 11.09
N ILE A 18 -9.91 -3.62 12.01
CA ILE A 18 -8.47 -3.61 12.23
C ILE A 18 -7.73 -4.02 10.96
N LEU A 19 -8.30 -4.99 10.22
CA LEU A 19 -7.69 -5.37 8.95
C LEU A 19 -7.70 -4.20 7.96
N LEU A 20 -8.74 -3.36 8.03
CA LEU A 20 -8.76 -2.17 7.17
C LEU A 20 -7.57 -1.27 7.48
N LEU A 21 -7.17 -1.21 8.75
CA LEU A 21 -5.97 -0.44 9.11
C LEU A 21 -4.73 -0.98 8.40
N LEU A 22 -4.68 -2.30 8.24
CA LEU A 22 -3.60 -2.90 7.45
C LEU A 22 -3.63 -2.37 6.01
N ALA A 23 -4.83 -2.11 5.49
CA ALA A 23 -4.96 -1.50 4.17
C ALA A 23 -4.30 -0.13 4.14
N CYS A 24 -4.42 0.61 5.24
CA CYS A 24 -3.77 1.92 5.32
C CYS A 24 -2.26 1.77 5.16
N ILE A 25 -1.70 0.72 5.78
CA ILE A 25 -0.27 0.46 5.63
C ILE A 25 0.09 0.24 4.15
N PHE A 26 -0.82 -0.41 3.40
CA PHE A 26 -0.60 -0.57 1.97
C PHE A 26 -0.49 0.79 1.28
N LEU A 27 -1.25 1.78 1.76
CA LEU A 27 -1.15 3.13 1.21
C LEU A 27 0.26 3.67 1.39
N ILE A 28 0.90 3.33 2.51
CA ILE A 28 2.29 3.74 2.70
C ILE A 28 3.18 3.17 1.61
N LYS A 29 2.89 1.94 1.17
CA LYS A 29 3.63 1.37 0.05
C LYS A 29 3.45 2.22 -1.21
N ILE A 30 2.28 2.83 -1.38
CA ILE A 30 2.07 3.72 -2.51
C ILE A 30 3.04 4.90 -2.46
N LEU A 31 3.36 5.37 -1.24
CA LEU A 31 4.37 6.41 -1.10
C LEU A 31 5.71 5.95 -1.66
N ALA A 32 6.00 4.64 -1.53
CA ALA A 32 7.15 4.05 -2.20
C ALA A 32 7.03 4.16 -3.72
N ALA A 33 5.80 4.02 -4.22
CA ALA A 33 5.57 4.17 -5.66
C ALA A 33 5.99 5.54 -6.15
N SER A 34 5.81 6.56 -5.30
CA SER A 34 6.29 7.90 -5.63
C SER A 34 7.80 7.89 -5.85
N ALA A 35 8.51 7.07 -5.09
CA ALA A 35 9.96 6.94 -5.29
C ALA A 35 10.25 6.43 -6.70
N LEU A 36 9.44 5.47 -7.16
CA LEU A 36 9.61 4.98 -8.53
C LEU A 36 9.43 6.11 -9.54
N TRP A 37 8.54 7.06 -9.24
CA TRP A 37 8.42 8.25 -10.09
C TRP A 37 9.75 9.02 -10.17
N ALA A 38 10.52 8.97 -9.08
CA ALA A 38 11.87 9.53 -9.10
C ALA A 38 12.74 8.81 -10.13
N ALA A 39 12.55 7.50 -10.25
CA ALA A 39 13.27 6.74 -11.25
C ALA A 39 12.97 7.26 -12.65
N ALA A 40 11.73 7.66 -12.88
CA ALA A 40 11.35 8.29 -14.14
C ALA A 40 12.09 9.61 -14.35
N TRP A 41 12.29 10.36 -13.25
CA TRP A 41 13.04 11.61 -13.31
C TRP A 41 14.46 11.40 -13.83
N HIS A 42 15.02 10.21 -13.63
CA HIS A 42 16.29 9.86 -14.26
C HIS A 42 16.03 9.51 -15.72
N GLY A 43 15.24 8.46 -15.93
CA GLY A 43 14.65 8.22 -17.23
C GLY A 43 13.24 7.67 -17.08
N GLN A 44 12.26 8.35 -17.67
CA GLN A 44 10.92 7.80 -17.83
C GLN A 44 10.98 6.48 -18.59
N LYS A 45 10.11 5.55 -18.22
CA LYS A 45 10.08 4.24 -18.87
C LYS A 45 9.89 4.39 -20.38
N PRO A 46 10.46 3.53 -21.20
CA PRO A 46 10.29 3.63 -22.68
C PRO A 46 8.83 3.63 -23.09
N GLY A 47 8.51 4.38 -24.14
CA GLY A 47 7.13 4.44 -24.63
C GLY A 47 6.56 3.06 -24.96
N THR A 48 7.44 2.11 -25.32
CA THR A 48 7.03 0.74 -25.65
C THR A 48 5.79 0.72 -26.56
N HIS A 49 5.86 1.45 -27.66
CA HIS A 49 4.75 1.50 -28.61
C HIS A 49 5.00 0.53 -29.77
#